data_7R5R
#
_entry.id   7R5R
#
_cell.length_a   1.00
_cell.length_b   1.00
_cell.length_c   1.00
_cell.angle_alpha   90.00
_cell.angle_beta   90.00
_cell.angle_gamma   90.00
#
_symmetry.space_group_name_H-M   'P 1'
#
loop_
_entity.id
_entity.type
_entity.pdbx_description
1 polymer 'Histone H3-like centromeric protein A'
2 polymer 'Histone H4'
3 polymer 'Histone H2A type 1-C'
4 polymer 'Histone H2B type 1-C/E/F/G/I'
5 polymer 'DNA (171-MER)'
6 polymer 'DNA (171-MER)'
7 polymer 'Centromere protein C'
#
loop_
_entity_poly.entity_id
_entity_poly.type
_entity_poly.pdbx_seq_one_letter_code
_entity_poly.pdbx_strand_id
1 'polypeptide(L)'
;MGPRRRSRKPEAPRRRSPSPTPTPGPSRRGPSLGASSHQHSRRRQGWLKEIRKLQKSTHLLIRKLPFSRLAREICVKFTR
GVDFNWQAQALLALQEAAEAFLVHLFEDAYLLTLHAGRVTLFPKDVQLARRIRGLEEGLG
;
A,E
2 'polypeptide(L)'
;MSGRGKGGKGLGKGGAKRHRKVLRDNIQGITKPAIRRLARRGGVKRISGLIYEETRGVLKVFLENVIRDAVTYTEHAKRK
TVTAMDVVYALKRQGRTLYGFGG
;
B,F
3 'polypeptide(L)'
;MSGRGKQGGKARAKAKSRSSRAGLQFPVGRVHRLLRKGNYAERVGAGAPVYLAAVLEYLTAEILELAGNAARDNKKTRII
PRHLQLAIRNDEELNKLLGRVTIAQGGVLPNIQAVLLPKKTESHHKAKGK
;
C,G
4 'polypeptide(L)'
;MPEPAKSAPAPKKGSKKAVTKAQKKDGKKRKRSRKESYSVYVYKVLKQVHPDTGISSKAMGIMNSFVNDIFERIAGEASR
LAHYNKRSTITSREIQTAVRLLLPGELAKHAVSEGTKAVTKYTSSK
;
D,H
5 'polydeoxyribonucleotide'
;(DT)(DC)(DC)(DA)(DA)(DA)(DT)(DG)(DT)(DC)(DC)(DA)(DA)(DT)(DT)(DC)(DC)(DA)(DG)(DA)
(DT)(DA)(DC)(DT)(DA)(DC)(DA)(DA)(DA)(DA)(DA)(DG)(DA)(DG)(DT)(DG)(DT)(DT)(DT)(DC)
(DA)(DA)(DA)(DA)(DC)(DT)(DG)(DC)(DT)(DC)(DT)(DA)(DT)(DG)(DA)(DA)(DA)(DA)(DG)(DG)
(DA)(DA)(DT)(DG)(DT)(DT)(DC)(DA)(DA)(DC)(DT)(DC)(DT)(DA)(DT)(DG)(DA)(DG)(DT)(DT)
(DG)(DA)(DA)(DT)(DG)(DC)(DA)(DA)(DA)(DC)(DA)(DT)(DC)(DA)(DC)(DA)(DT)(DA)(DG)(DA)
(DA)(DG)(DT)(DT)(DT)(DC)(DT)(DG)(DA)(DG)(DA)(DA)(DT)(DG)(DC)(DT)(DT)(DC)(DT)(DG)
(DT)(DC)(DT)(DA)(DG)(DT)(DT)(DT)(DT)(DT)(DA)(DT)(DG)(DT)(DG)(DA)(DA)(DC)(DA)(DT)
(DA)(DT)(DT)(DC)(DC)(DC)(DG)(DT)(DT)(DT)(DC)(DC)(DA)(DA)(DC)(DG)(DA)(DA)(DG)(DG)
(DC)(DC)(DT)(DC)(DA)(DA)(DA)(DG)(DC)(DG)(DG)
;
I
6 'polydeoxyribonucleotide'
;(DC)(DC)(DG)(DC)(DT)(DT)(DT)(DG)(DA)(DG)(DG)(DC)(DC)(DT)(DT)(DC)(DG)(DT)(DT)(DG)
(DG)(DA)(DA)(DA)(DC)(DG)(DG)(DG)(DA)(DA)(DT)(DA)(DT)(DG)(DT)(DT)(DC)(DA)(DC)(DA)
(DT)(DA)(DA)(DA)(DA)(DA)(DC)(DT)(DA)(DG)(DA)(DC)(DA)(DG)(DA)(DA)(DG)(DC)(DA)(DT)
(DT)(DC)(DT)(DC)(DA)(DG)(DA)(DA)(DA)(DC)(DT)(DT)(DC)(DT)(DA)(DT)(DG)(DT)(DG)(DA)
(DT)(DG)(DT)(DT)(DT)(DG)(DC)(DA)(DT)(DT)(DC)(DA)(DA)(DC)(DT)(DC)(DA)(DT)(DA)(DG)
(DA)(DG)(DT)(DT)(DG)(DA)(DA)(DC)(DA)(DT)(DT)(DC)(DC)(DT)(DT)(DT)(DT)(DC)(DA)(DT)
(DA)(DG)(DA)(DG)(DC)(DA)(DG)(DT)(DT)(DT)(DT)(DG)(DA)(DA)(DA)(DC)(DA)(DC)(DT)(DC)
(DT)(DT)(DT)(DT)(DT)(DG)(DT)(DA)(DG)(DT)(DA)(DT)(DC)(DT)(DG)(DG)(DA)(DA)(DT)(DT)
(DG)(DG)(DA)(DC)(DA)(DT)(DT)(DT)(DG)(DG)(DA)
;
J
7 'polypeptide(L)'
;AASGLDHLKNGYRRRFCRPSRARDINTEQGQNVLEILQDCFEEKSLANDFSTNSTKSVPNSTRKIKDTCIQSPSKECQKS
HPKSVPVSSKKKEASLQFVVEPSEATNRSVQAHEVHQKILATDVSSKNTPDSKKISSRNINDHHSEADEEFYLSVGSPSV
LLDAKTSVSQNVIPSSAQKRETYTFENSVNMLPSSTEVSVKTKKRLNFDDKVMLKKIEIDNKVSDEEDKTSEGQERKPSG
SSQNRIRDSEYEIQRQAKKSFSTLFLETVKRKSESSPIVRHAATAPPHSCPPDDTKLIEDEFIIDESDQSFASRSWITIP
RKAGSLKQRTISPAESTALLQGRKSREKHHNILPKTLANDKHSHKPHPVETSQPSDKTVLDTSYALIGETVNNYRSTKYE
MYSKNAEKPSRSKRTIKQKQRRKFMAKPAEEQLDVGQSKDENIHTSHITQDEFQRNSDRNMEEHEEMGNDCVSKKQMPPV
GSKKSSTRKDKEESKKKRFSSESKNKLVPEEVTSTVTKSRRISRRPSDWWVVKSEESPVYSNS
;
K,L
#
loop_
_chem_comp.id
_chem_comp.type
_chem_comp.name
_chem_comp.formula
DA DNA linking 2'-DEOXYADENOSINE-5'-MONOPHOSPHATE 'C10 H14 N5 O6 P'
DC DNA linking 2'-DEOXYCYTIDINE-5'-MONOPHOSPHATE 'C9 H14 N3 O7 P'
DG DNA linking 2'-DEOXYGUANOSINE-5'-MONOPHOSPHATE 'C10 H14 N5 O7 P'
DT DNA linking THYMIDINE-5'-MONOPHOSPHATE 'C10 H15 N2 O8 P'
#
# COMPACT_ATOMS: atom_id res chain seq x y z
N SER A 41 4.52 -0.61 -51.98
CA SER A 41 5.03 -0.35 -50.64
C SER A 41 4.75 1.09 -50.23
N ARG A 42 3.92 1.27 -49.20
CA ARG A 42 3.57 2.59 -48.71
C ARG A 42 4.46 3.00 -47.55
N ARG A 43 4.45 2.23 -46.47
CA ARG A 43 5.32 2.49 -45.32
C ARG A 43 5.56 1.18 -44.61
N ARG A 44 6.83 0.76 -44.55
CA ARG A 44 7.17 -0.52 -43.96
C ARG A 44 6.80 -0.57 -42.48
N GLN A 45 7.49 0.25 -41.66
CA GLN A 45 7.18 0.34 -40.22
C GLN A 45 7.32 1.81 -39.80
N GLY A 46 6.20 2.54 -39.87
CA GLY A 46 6.17 3.87 -39.28
C GLY A 46 5.86 3.84 -37.80
N TRP A 47 5.17 2.79 -37.35
CA TRP A 47 4.88 2.65 -35.92
C TRP A 47 6.16 2.55 -35.10
N LEU A 48 7.22 1.98 -35.66
CA LEU A 48 8.47 1.84 -34.94
C LEU A 48 9.06 3.21 -34.60
N LYS A 49 9.21 4.06 -35.62
CA LYS A 49 9.72 5.40 -35.37
C LYS A 49 8.75 6.21 -34.53
N GLU A 50 7.45 5.99 -34.68
CA GLU A 50 6.48 6.69 -33.85
C GLU A 50 6.68 6.35 -32.37
N ILE A 51 6.84 5.07 -32.05
CA ILE A 51 7.07 4.65 -30.67
C ILE A 51 8.41 5.18 -30.17
N ARG A 52 9.44 5.12 -31.02
CA ARG A 52 10.76 5.57 -30.60
C ARG A 52 10.77 7.07 -30.32
N LYS A 53 9.96 7.84 -31.05
CA LYS A 53 9.87 9.27 -30.80
C LYS A 53 9.00 9.58 -29.60
N LEU A 54 7.92 8.83 -29.41
CA LEU A 54 7.02 9.09 -28.29
C LEU A 54 7.63 8.69 -26.95
N GLN A 55 8.49 7.66 -26.94
CA GLN A 55 9.14 7.25 -25.71
C GLN A 55 10.28 8.18 -25.29
N LYS A 56 10.61 9.17 -26.12
CA LYS A 56 11.67 10.12 -25.79
C LYS A 56 11.15 11.46 -25.30
N SER A 57 9.94 11.85 -25.69
CA SER A 57 9.36 13.11 -25.25
C SER A 57 8.64 12.95 -23.92
N THR A 58 8.31 14.08 -23.29
CA THR A 58 7.71 14.08 -21.96
C THR A 58 6.51 15.02 -21.90
N HIS A 59 5.87 15.29 -23.03
CA HIS A 59 4.73 16.21 -23.07
C HIS A 59 3.41 15.44 -23.05
N LEU A 60 2.36 16.14 -22.64
CA LEU A 60 1.04 15.52 -22.54
C LEU A 60 0.47 15.24 -23.92
N LEU A 61 -0.35 14.18 -23.99
CA LEU A 61 -0.86 13.70 -25.27
C LEU A 61 -2.33 14.00 -25.50
N ILE A 62 -3.10 14.31 -24.47
CA ILE A 62 -4.52 14.64 -24.60
C ILE A 62 -4.67 16.14 -24.57
N ARG A 63 -5.60 16.66 -25.37
CA ARG A 63 -5.87 18.09 -25.40
C ARG A 63 -6.39 18.55 -24.04
N LYS A 64 -6.24 19.85 -23.77
CA LYS A 64 -6.58 20.39 -22.46
C LYS A 64 -8.06 20.72 -22.34
N LEU A 65 -8.66 21.27 -23.40
CA LEU A 65 -10.06 21.70 -23.31
C LEU A 65 -11.02 20.54 -23.14
N PRO A 66 -10.93 19.45 -23.92
CA PRO A 66 -11.85 18.32 -23.67
C PRO A 66 -11.66 17.69 -22.30
N PHE A 67 -10.41 17.58 -21.84
CA PHE A 67 -10.16 17.04 -20.50
C PHE A 67 -10.81 17.93 -19.44
N SER A 68 -10.68 19.25 -19.58
CA SER A 68 -11.31 20.15 -18.63
C SER A 68 -12.83 20.02 -18.65
N ARG A 69 -13.40 19.91 -19.85
CA ARG A 69 -14.85 19.76 -19.95
C ARG A 69 -15.32 18.48 -19.26
N LEU A 70 -14.63 17.37 -19.50
CA LEU A 70 -15.02 16.10 -18.88
C LEU A 70 -14.87 16.15 -17.37
N ALA A 71 -13.77 16.73 -16.88
CA ALA A 71 -13.56 16.82 -15.44
C ALA A 71 -14.64 17.68 -14.79
N ARG A 72 -14.98 18.81 -15.40
CA ARG A 72 -16.02 19.67 -14.83
C ARG A 72 -17.38 18.99 -14.86
N GLU A 73 -17.66 18.23 -15.91
CA GLU A 73 -18.93 17.51 -15.98
C GLU A 73 -19.03 16.47 -14.86
N ILE A 74 -17.96 15.70 -14.65
CA ILE A 74 -17.98 14.70 -13.58
C ILE A 74 -18.10 15.38 -12.22
N CYS A 75 -17.38 16.48 -12.02
CA CYS A 75 -17.41 17.16 -10.73
C CYS A 75 -18.79 17.73 -10.43
N VAL A 76 -19.46 18.27 -11.46
CA VAL A 76 -20.80 18.82 -11.24
C VAL A 76 -21.82 17.69 -11.06
N LYS A 77 -21.52 16.51 -11.62
CA LYS A 77 -22.37 15.36 -11.38
C LYS A 77 -22.19 14.80 -9.97
N PHE A 78 -21.02 15.03 -9.36
CA PHE A 78 -20.82 14.57 -7.98
C PHE A 78 -21.48 15.49 -6.96
N THR A 79 -21.17 16.79 -7.02
CA THR A 79 -21.82 17.76 -6.15
C THR A 79 -23.31 17.83 -6.47
N ARG A 80 -24.09 18.31 -5.49
CA ARG A 80 -25.53 18.34 -5.63
C ARG A 80 -25.99 19.25 -6.77
N GLY A 81 -25.83 20.56 -6.61
CA GLY A 81 -26.18 21.50 -7.66
C GLY A 81 -25.17 22.62 -7.80
N VAL A 82 -24.18 22.65 -6.92
CA VAL A 82 -23.21 23.74 -6.92
C VAL A 82 -22.18 23.52 -8.01
N ASP A 83 -21.66 24.62 -8.55
CA ASP A 83 -20.62 24.60 -9.57
C ASP A 83 -19.33 25.09 -8.95
N PHE A 84 -18.34 24.21 -8.86
CA PHE A 84 -17.06 24.55 -8.25
C PHE A 84 -16.09 25.08 -9.29
N ASN A 85 -15.19 25.95 -8.85
CA ASN A 85 -14.13 26.46 -9.71
C ASN A 85 -12.95 25.49 -9.70
N TRP A 86 -12.02 25.72 -10.61
CA TRP A 86 -10.86 24.84 -10.77
C TRP A 86 -9.62 25.67 -11.06
N GLN A 87 -8.55 25.41 -10.32
CA GLN A 87 -7.26 25.99 -10.65
C GLN A 87 -6.65 25.26 -11.84
N ALA A 88 -5.75 25.95 -12.54
CA ALA A 88 -5.10 25.34 -13.70
C ALA A 88 -4.14 24.24 -13.28
N GLN A 89 -3.40 24.45 -12.18
CA GLN A 89 -2.46 23.46 -11.70
C GLN A 89 -3.17 22.17 -11.29
N ALA A 90 -4.39 22.28 -10.75
CA ALA A 90 -5.14 21.10 -10.37
C ALA A 90 -5.48 20.24 -11.59
N LEU A 91 -5.96 20.88 -12.66
CA LEU A 91 -6.26 20.14 -13.88
C LEU A 91 -5.01 19.54 -14.49
N LEU A 92 -3.90 20.28 -14.45
CA LEU A 92 -2.64 19.74 -14.98
C LEU A 92 -2.19 18.51 -14.22
N ALA A 93 -2.25 18.57 -12.88
CA ALA A 93 -1.86 17.42 -12.07
C ALA A 93 -2.77 16.22 -12.32
N LEU A 94 -4.08 16.47 -12.42
CA LEU A 94 -5.02 15.38 -12.71
C LEU A 94 -4.71 14.72 -14.04
N GLN A 95 -4.44 15.53 -15.07
CA GLN A 95 -4.12 14.98 -16.39
C GLN A 95 -2.82 14.18 -16.36
N GLU A 96 -1.80 14.69 -15.67
CA GLU A 96 -0.55 13.97 -15.56
C GLU A 96 -0.75 12.60 -14.91
N ALA A 97 -1.47 12.57 -13.79
CA ALA A 97 -1.71 11.31 -13.09
C ALA A 97 -2.49 10.34 -13.97
N ALA A 98 -3.53 10.83 -14.64
CA ALA A 98 -4.35 9.94 -15.47
C ALA A 98 -3.53 9.35 -16.62
N GLU A 99 -2.70 10.18 -17.27
CA GLU A 99 -1.92 9.67 -18.40
C GLU A 99 -0.87 8.68 -17.94
N ALA A 100 -0.22 8.93 -16.79
CA ALA A 100 0.74 7.96 -16.27
C ALA A 100 0.06 6.62 -15.98
N PHE A 101 -1.12 6.67 -15.33
CA PHE A 101 -1.87 5.45 -15.05
C PHE A 101 -2.19 4.69 -16.32
N LEU A 102 -2.68 5.40 -17.34
CA LEU A 102 -3.06 4.73 -18.58
C LEU A 102 -1.87 4.09 -19.27
N VAL A 103 -0.72 4.78 -19.29
CA VAL A 103 0.46 4.22 -19.94
C VAL A 103 0.93 2.96 -19.21
N HIS A 104 0.95 2.99 -17.88
CA HIS A 104 1.37 1.80 -17.13
C HIS A 104 0.40 0.64 -17.37
N LEU A 105 -0.90 0.92 -17.38
CA LEU A 105 -1.88 -0.14 -17.62
C LEU A 105 -1.71 -0.72 -19.01
N PHE A 106 -1.40 0.11 -20.00
CA PHE A 106 -1.17 -0.40 -21.34
C PHE A 106 0.07 -1.29 -21.39
N GLU A 107 1.12 -0.93 -20.66
CA GLU A 107 2.30 -1.78 -20.58
C GLU A 107 1.95 -3.16 -20.03
N ASP A 108 1.23 -3.18 -18.90
CA ASP A 108 0.85 -4.47 -18.30
C ASP A 108 -0.04 -5.29 -19.23
N ALA A 109 -1.01 -4.63 -19.88
CA ALA A 109 -1.90 -5.34 -20.79
C ALA A 109 -1.16 -5.90 -21.99
N TYR A 110 -0.14 -5.20 -22.47
CA TYR A 110 0.63 -5.75 -23.58
C TYR A 110 1.53 -6.90 -23.13
N LEU A 111 2.00 -6.87 -21.89
CA LEU A 111 2.67 -8.04 -21.33
C LEU A 111 1.74 -9.25 -21.38
N LEU A 112 0.49 -9.07 -20.93
CA LEU A 112 -0.47 -10.17 -20.98
C LEU A 112 -0.77 -10.60 -22.42
N THR A 113 -0.83 -9.65 -23.35
CA THR A 113 -1.08 -9.98 -24.75
C THR A 113 0.04 -10.85 -25.30
N LEU A 114 1.30 -10.46 -25.04
CA LEU A 114 2.42 -11.26 -25.50
C LEU A 114 2.46 -12.62 -24.84
N HIS A 115 2.02 -12.72 -23.58
CA HIS A 115 1.91 -14.04 -22.95
C HIS A 115 0.87 -14.90 -23.64
N ALA A 116 -0.24 -14.30 -24.07
CA ALA A 116 -1.29 -15.06 -24.74
C ALA A 116 -0.89 -15.53 -26.14
N GLY A 117 0.27 -15.12 -26.65
CA GLY A 117 0.69 -15.55 -27.96
C GLY A 117 0.20 -14.70 -29.11
N ARG A 118 -0.06 -13.43 -28.88
CA ARG A 118 -0.59 -12.52 -29.89
C ARG A 118 0.21 -11.23 -29.91
N VAL A 119 0.01 -10.45 -30.96
CA VAL A 119 0.62 -9.13 -31.08
C VAL A 119 -0.41 -8.01 -31.10
N THR A 120 -1.70 -8.33 -31.08
CA THR A 120 -2.77 -7.33 -31.09
C THR A 120 -3.42 -7.29 -29.72
N LEU A 121 -3.65 -6.08 -29.22
CA LEU A 121 -4.23 -5.91 -27.89
C LEU A 121 -5.75 -6.09 -27.93
N PHE A 122 -6.29 -6.73 -26.90
CA PHE A 122 -7.71 -6.99 -26.74
C PHE A 122 -8.19 -6.41 -25.42
N PRO A 123 -9.49 -6.14 -25.29
CA PRO A 123 -10.00 -5.66 -24.00
C PRO A 123 -9.90 -6.68 -22.88
N LYS A 124 -9.93 -7.98 -23.21
CA LYS A 124 -9.78 -9.00 -22.19
C LYS A 124 -8.42 -8.93 -21.50
N ASP A 125 -7.39 -8.48 -22.23
CA ASP A 125 -6.07 -8.30 -21.63
C ASP A 125 -6.12 -7.22 -20.55
N VAL A 126 -6.76 -6.09 -20.85
CA VAL A 126 -6.90 -5.03 -19.87
C VAL A 126 -7.71 -5.51 -18.67
N GLN A 127 -8.78 -6.26 -18.92
CA GLN A 127 -9.62 -6.76 -17.84
C GLN A 127 -8.84 -7.70 -16.92
N LEU A 128 -8.10 -8.64 -17.50
CA LEU A 128 -7.32 -9.57 -16.70
C LEU A 128 -6.20 -8.87 -15.96
N ALA A 129 -5.59 -7.85 -16.58
CA ALA A 129 -4.56 -7.09 -15.90
C ALA A 129 -5.12 -6.38 -14.68
N ARG A 130 -6.29 -5.76 -14.81
CA ARG A 130 -6.94 -5.14 -13.65
C ARG A 130 -7.25 -6.18 -12.58
N ARG A 131 -7.77 -7.34 -12.99
CA ARG A 131 -8.14 -8.38 -12.03
C ARG A 131 -6.93 -8.88 -11.25
N ILE A 132 -5.79 -9.03 -11.93
CA ILE A 132 -4.60 -9.52 -11.24
C ILE A 132 -3.96 -8.43 -10.39
N ARG A 133 -3.99 -7.17 -10.86
CA ARG A 133 -3.49 -6.08 -10.03
C ARG A 133 -4.30 -5.92 -8.75
N GLY A 134 -5.60 -6.22 -8.80
CA GLY A 134 -6.40 -6.31 -7.61
C GLY A 134 -7.42 -5.19 -7.48
N LEU A 135 -7.88 -5.00 -6.24
CA LEU A 135 -8.98 -4.08 -5.98
C LEU A 135 -8.55 -2.62 -6.01
N GLU A 136 -7.32 -2.31 -5.61
CA GLU A 136 -6.84 -0.93 -5.55
C GLU A 136 -6.15 -0.51 -6.84
N GLU A 137 -5.10 -1.23 -7.24
CA GLU A 137 -4.38 -0.87 -8.45
C GLU A 137 -5.10 -1.30 -9.72
N GLY A 138 -6.20 -2.05 -9.60
CA GLY A 138 -6.97 -2.45 -10.76
C GLY A 138 -8.33 -1.80 -10.83
N LEU A 139 -8.62 -0.93 -9.85
CA LEU A 139 -9.89 -0.21 -9.77
C LEU A 139 -11.09 -1.15 -9.74
N ASP B 25 -21.94 14.79 -24.49
CA ASP B 25 -21.01 13.90 -25.17
C ASP B 25 -19.57 14.33 -24.93
N ASN B 26 -19.29 14.80 -23.71
CA ASN B 26 -17.93 15.22 -23.39
C ASN B 26 -16.96 14.05 -23.35
N ILE B 27 -17.46 12.84 -23.12
CA ILE B 27 -16.59 11.67 -23.12
C ILE B 27 -16.02 11.39 -24.50
N GLN B 28 -16.67 11.88 -25.55
CA GLN B 28 -16.16 11.70 -26.90
C GLN B 28 -15.06 12.68 -27.25
N GLY B 29 -14.77 13.65 -26.39
CA GLY B 29 -13.66 14.56 -26.62
C GLY B 29 -12.32 13.90 -26.60
N ILE B 30 -12.18 12.79 -25.86
CA ILE B 30 -10.96 11.98 -25.88
C ILE B 30 -10.97 11.21 -27.19
N THR B 31 -10.23 11.71 -28.18
CA THR B 31 -10.33 11.18 -29.53
C THR B 31 -9.50 9.91 -29.67
N LYS B 32 -9.66 9.27 -30.82
CA LYS B 32 -8.95 8.04 -31.17
C LYS B 32 -7.45 8.27 -31.34
N PRO B 33 -7.00 9.34 -32.01
CA PRO B 33 -5.54 9.57 -32.09
C PRO B 33 -4.86 9.76 -30.75
N ALA B 34 -5.54 10.35 -29.76
CA ALA B 34 -4.92 10.51 -28.45
C ALA B 34 -4.73 9.16 -27.76
N ILE B 35 -5.75 8.29 -27.82
CA ILE B 35 -5.60 6.95 -27.27
C ILE B 35 -4.51 6.19 -28.02
N ARG B 36 -4.41 6.42 -29.34
CA ARG B 36 -3.35 5.80 -30.11
C ARG B 36 -1.99 6.24 -29.62
N ARG B 37 -1.83 7.54 -29.37
CA ARG B 37 -0.55 8.05 -28.89
C ARG B 37 -0.21 7.48 -27.52
N LEU B 38 -1.20 7.38 -26.63
CA LEU B 38 -0.95 6.80 -25.31
C LEU B 38 -0.51 5.34 -25.42
N ALA B 39 -1.20 4.55 -26.26
CA ALA B 39 -0.84 3.15 -26.41
C ALA B 39 0.53 3.00 -27.07
N ARG B 40 0.88 3.91 -27.98
CA ARG B 40 2.19 3.84 -28.62
C ARG B 40 3.30 4.18 -27.65
N ARG B 41 3.08 5.19 -26.79
CA ARG B 41 4.07 5.47 -25.75
C ARG B 41 4.20 4.30 -24.79
N GLY B 42 3.09 3.62 -24.51
CA GLY B 42 3.15 2.43 -23.67
C GLY B 42 3.86 1.25 -24.29
N GLY B 43 4.15 1.29 -25.59
CA GLY B 43 4.85 0.22 -26.26
C GLY B 43 3.99 -0.70 -27.10
N VAL B 44 2.71 -0.40 -27.28
CA VAL B 44 1.82 -1.25 -28.05
C VAL B 44 2.06 -1.03 -29.53
N LYS B 45 1.98 -2.11 -30.30
CA LYS B 45 2.20 -2.07 -31.75
C LYS B 45 0.91 -2.08 -32.55
N ARG B 46 -0.05 -2.92 -32.19
CA ARG B 46 -1.32 -3.03 -32.89
C ARG B 46 -2.46 -2.92 -31.89
N ILE B 47 -3.53 -2.25 -32.30
CA ILE B 47 -4.68 -1.98 -31.45
C ILE B 47 -5.95 -2.37 -32.18
N SER B 48 -6.88 -3.00 -31.48
CA SER B 48 -8.17 -3.36 -32.05
C SER B 48 -9.17 -2.22 -31.86
N GLY B 49 -10.26 -2.29 -32.63
CA GLY B 49 -11.22 -1.21 -32.63
C GLY B 49 -12.03 -1.09 -31.35
N LEU B 50 -12.24 -2.21 -30.65
CA LEU B 50 -13.07 -2.21 -29.44
C LEU B 50 -12.35 -1.69 -28.21
N ILE B 51 -11.14 -1.14 -28.35
CA ILE B 51 -10.35 -0.78 -27.18
C ILE B 51 -10.65 0.65 -26.73
N TYR B 52 -11.09 1.51 -27.65
CA TYR B 52 -11.27 2.93 -27.30
C TYR B 52 -12.39 3.12 -26.29
N GLU B 53 -13.49 2.39 -26.43
CA GLU B 53 -14.57 2.50 -25.46
C GLU B 53 -14.16 1.96 -24.10
N GLU B 54 -13.40 0.86 -24.08
CA GLU B 54 -12.89 0.33 -22.82
C GLU B 54 -11.98 1.33 -22.13
N THR B 55 -11.09 1.97 -22.90
CA THR B 55 -10.20 2.98 -22.34
C THR B 55 -10.99 4.16 -21.80
N ARG B 56 -12.03 4.59 -22.52
CA ARG B 56 -12.86 5.67 -22.04
C ARG B 56 -13.53 5.30 -20.72
N GLY B 57 -14.04 4.08 -20.61
CA GLY B 57 -14.66 3.65 -19.35
C GLY B 57 -13.68 3.59 -18.20
N VAL B 58 -12.48 3.08 -18.45
CA VAL B 58 -11.48 3.00 -17.40
C VAL B 58 -11.09 4.38 -16.92
N LEU B 59 -10.86 5.30 -17.87
CA LEU B 59 -10.53 6.67 -17.52
C LEU B 59 -11.66 7.32 -16.74
N LYS B 60 -12.91 7.01 -17.11
CA LYS B 60 -14.05 7.57 -16.40
C LYS B 60 -14.08 7.09 -14.94
N VAL B 61 -13.84 5.80 -14.73
CA VAL B 61 -13.84 5.27 -13.36
C VAL B 61 -12.73 5.91 -12.53
N PHE B 62 -11.52 5.99 -13.12
CA PHE B 62 -10.39 6.61 -12.42
C PHE B 62 -10.70 8.06 -12.03
N LEU B 63 -11.21 8.83 -12.99
CA LEU B 63 -11.54 10.22 -12.73
C LEU B 63 -12.63 10.35 -11.68
N GLU B 64 -13.62 9.46 -11.71
CA GLU B 64 -14.70 9.51 -10.72
C GLU B 64 -14.15 9.32 -9.32
N ASN B 65 -13.32 8.29 -9.12
CA ASN B 65 -12.75 8.05 -7.81
C ASN B 65 -11.91 9.24 -7.32
N VAL B 66 -10.99 9.70 -8.16
CA VAL B 66 -10.08 10.76 -7.73
C VAL B 66 -10.84 12.05 -7.48
N ILE B 67 -11.84 12.35 -8.31
CA ILE B 67 -12.58 13.60 -8.17
C ILE B 67 -13.49 13.55 -6.95
N ARG B 68 -14.06 12.38 -6.64
CA ARG B 68 -14.83 12.25 -5.41
C ARG B 68 -13.96 12.53 -4.19
N ASP B 69 -12.77 11.93 -4.15
CA ASP B 69 -11.88 12.17 -3.02
C ASP B 69 -11.47 13.65 -2.94
N ALA B 70 -11.16 14.25 -4.09
CA ALA B 70 -10.72 15.65 -4.10
C ALA B 70 -11.84 16.60 -3.68
N VAL B 71 -13.08 16.31 -4.09
CA VAL B 71 -14.20 17.15 -3.71
C VAL B 71 -14.50 17.02 -2.23
N THR B 72 -14.34 15.80 -1.67
CA THR B 72 -14.48 15.65 -0.22
C THR B 72 -13.43 16.48 0.51
N TYR B 73 -12.17 16.40 0.06
CA TYR B 73 -11.11 17.20 0.67
C TYR B 73 -11.40 18.69 0.56
N THR B 74 -11.97 19.11 -0.58
CA THR B 74 -12.23 20.53 -0.79
C THR B 74 -13.35 21.04 0.09
N GLU B 75 -14.46 20.28 0.19
CA GLU B 75 -15.60 20.76 0.95
C GLU B 75 -15.46 20.48 2.45
N HIS B 76 -14.47 19.69 2.87
CA HIS B 76 -14.17 19.64 4.29
C HIS B 76 -13.81 21.02 4.81
N ALA B 77 -12.90 21.71 4.11
CA ALA B 77 -12.71 23.13 4.32
C ALA B 77 -13.87 23.90 3.70
N LYS B 78 -14.07 25.13 4.16
CA LYS B 78 -15.17 25.95 3.68
C LYS B 78 -14.74 26.74 2.44
N ARG B 79 -14.48 26.00 1.36
CA ARG B 79 -14.06 26.57 0.10
C ARG B 79 -14.98 26.12 -1.01
N LYS B 80 -14.83 26.77 -2.17
CA LYS B 80 -15.59 26.42 -3.37
C LYS B 80 -14.70 26.27 -4.60
N THR B 81 -13.38 26.22 -4.42
CA THR B 81 -12.43 26.09 -5.52
C THR B 81 -11.53 24.90 -5.26
N VAL B 82 -11.41 24.02 -6.25
CA VAL B 82 -10.53 22.85 -6.14
C VAL B 82 -9.10 23.31 -6.36
N THR B 83 -8.20 22.91 -5.47
CA THR B 83 -6.80 23.29 -5.52
C THR B 83 -5.95 22.08 -5.89
N ALA B 84 -4.66 22.35 -6.17
CA ALA B 84 -3.75 21.27 -6.53
C ALA B 84 -3.43 20.37 -5.34
N MET B 85 -3.34 20.95 -4.13
CA MET B 85 -3.05 20.15 -2.96
C MET B 85 -4.18 19.17 -2.66
N ASP B 86 -5.42 19.54 -2.96
CA ASP B 86 -6.53 18.61 -2.80
C ASP B 86 -6.34 17.38 -3.68
N VAL B 87 -5.97 17.60 -4.95
CA VAL B 87 -5.73 16.49 -5.87
C VAL B 87 -4.55 15.65 -5.39
N VAL B 88 -3.50 16.31 -4.88
CA VAL B 88 -2.33 15.57 -4.41
C VAL B 88 -2.68 14.68 -3.23
N TYR B 89 -3.45 15.23 -2.28
CA TYR B 89 -3.86 14.43 -1.11
C TYR B 89 -4.78 13.29 -1.53
N ALA B 90 -5.70 13.55 -2.46
CA ALA B 90 -6.60 12.51 -2.93
C ALA B 90 -5.82 11.38 -3.61
N LEU B 91 -4.79 11.72 -4.37
CA LEU B 91 -3.97 10.69 -5.00
C LEU B 91 -3.16 9.93 -3.95
N LYS B 92 -2.62 10.63 -2.96
CA LYS B 92 -1.80 9.98 -1.94
C LYS B 92 -2.63 9.01 -1.11
N ARG B 93 -3.89 9.38 -0.80
CA ARG B 93 -4.74 8.51 0.01
C ARG B 93 -5.10 7.20 -0.69
N GLN B 94 -4.77 7.05 -1.98
CA GLN B 94 -5.06 5.83 -2.72
C GLN B 94 -3.80 5.04 -3.08
N GLY B 95 -2.64 5.43 -2.54
CA GLY B 95 -1.42 4.72 -2.82
C GLY B 95 -0.65 5.20 -4.03
N ARG B 96 -0.83 6.46 -4.43
CA ARG B 96 -0.11 7.03 -5.57
C ARG B 96 0.43 8.39 -5.16
N THR B 97 1.73 8.59 -5.31
CA THR B 97 2.39 9.82 -4.90
C THR B 97 2.82 10.60 -6.14
N LEU B 98 2.54 11.90 -6.13
CA LEU B 98 2.91 12.80 -7.21
C LEU B 98 3.89 13.84 -6.68
N TYR B 99 4.96 14.10 -7.43
CA TYR B 99 6.05 14.93 -6.96
C TYR B 99 6.08 16.32 -7.58
N GLY B 100 5.60 16.49 -8.81
CA GLY B 100 5.83 17.73 -9.54
C GLY B 100 5.07 18.93 -9.02
N PHE B 101 3.99 18.73 -8.28
CA PHE B 101 3.09 19.82 -7.90
C PHE B 101 3.05 20.04 -6.39
N GLY B 102 4.05 19.57 -5.66
CA GLY B 102 4.08 19.69 -4.22
C GLY B 102 4.12 21.13 -3.73
N ALA C 15 -22.18 8.19 37.97
CA ALA C 15 -23.54 7.82 38.33
C ALA C 15 -24.37 7.52 37.09
N LYS C 16 -23.79 7.77 35.91
CA LYS C 16 -24.46 7.52 34.65
C LYS C 16 -23.42 7.39 33.55
N SER C 17 -23.38 6.25 32.89
CA SER C 17 -22.39 6.01 31.85
C SER C 17 -22.67 6.86 30.62
N ARG C 18 -21.60 7.25 29.93
CA ARG C 18 -21.74 8.01 28.70
C ARG C 18 -22.21 7.14 27.54
N SER C 19 -21.82 5.86 27.53
CA SER C 19 -22.30 4.95 26.49
C SER C 19 -23.79 4.71 26.61
N SER C 20 -24.34 4.75 27.83
CA SER C 20 -25.78 4.66 28.01
C SER C 20 -26.45 5.99 27.66
N ARG C 21 -25.76 7.10 27.88
CA ARG C 21 -26.27 8.40 27.43
C ARG C 21 -26.42 8.42 25.93
N ALA C 22 -25.45 7.88 25.20
CA ALA C 22 -25.52 7.83 23.75
C ALA C 22 -26.34 6.64 23.24
N GLY C 23 -26.80 5.77 24.13
CA GLY C 23 -27.56 4.61 23.72
C GLY C 23 -26.76 3.61 22.94
N LEU C 24 -25.58 3.24 23.46
CA LEU C 24 -24.66 2.34 22.79
C LEU C 24 -24.25 1.22 23.73
N GLN C 25 -23.52 0.25 23.18
CA GLN C 25 -22.92 -0.83 23.95
C GLN C 25 -21.41 -0.71 24.09
N PHE C 26 -20.75 -0.09 23.11
CA PHE C 26 -19.31 0.08 23.17
C PHE C 26 -18.94 1.18 24.17
N PRO C 27 -17.75 1.10 24.76
CA PRO C 27 -17.36 2.08 25.79
C PRO C 27 -16.93 3.40 25.17
N VAL C 28 -17.35 4.50 25.80
CA VAL C 28 -17.00 5.83 25.33
C VAL C 28 -15.76 6.37 26.04
N GLY C 29 -15.68 6.18 27.36
CA GLY C 29 -14.53 6.67 28.09
C GLY C 29 -13.23 6.00 27.68
N ARG C 30 -13.29 4.70 27.37
CA ARG C 30 -12.09 4.00 26.93
C ARG C 30 -11.61 4.52 25.58
N VAL C 31 -12.55 4.77 24.65
CA VAL C 31 -12.16 5.31 23.35
C VAL C 31 -11.60 6.72 23.50
N HIS C 32 -12.18 7.52 24.39
CA HIS C 32 -11.65 8.86 24.64
C HIS C 32 -10.24 8.80 25.19
N ARG C 33 -9.99 7.90 26.15
CA ARG C 33 -8.65 7.77 26.70
C ARG C 33 -7.65 7.29 25.66
N LEU C 34 -8.06 6.32 24.82
CA LEU C 34 -7.16 5.82 23.78
C LEU C 34 -6.87 6.89 22.75
N LEU C 35 -7.83 7.78 22.46
CA LEU C 35 -7.55 8.90 21.57
C LEU C 35 -6.61 9.90 22.22
N ARG C 36 -6.79 10.15 23.52
CA ARG C 36 -5.94 11.12 24.20
C ARG C 36 -4.50 10.64 24.33
N LYS C 37 -4.29 9.34 24.50
CA LYS C 37 -2.95 8.80 24.73
C LYS C 37 -2.27 8.27 23.47
N GLY C 38 -2.87 8.48 22.30
CA GLY C 38 -2.28 8.01 21.05
C GLY C 38 -1.51 9.05 20.27
N ASN C 39 -1.26 10.22 20.86
CA ASN C 39 -0.62 11.37 20.21
C ASN C 39 -1.09 11.53 18.76
N TYR C 40 -2.41 11.72 18.62
CA TYR C 40 -2.99 12.05 17.33
C TYR C 40 -3.10 13.56 17.12
N ALA C 41 -3.35 14.30 18.20
CA ALA C 41 -3.37 15.76 18.19
C ALA C 41 -3.27 16.22 19.64
N GLU C 42 -3.05 17.51 19.83
CA GLU C 42 -2.90 18.03 21.18
C GLU C 42 -4.23 18.19 21.91
N ARG C 43 -5.36 18.21 21.18
CA ARG C 43 -6.66 18.36 21.79
C ARG C 43 -7.63 17.35 21.17
N VAL C 44 -8.64 16.96 21.94
CA VAL C 44 -9.67 16.03 21.50
C VAL C 44 -11.03 16.61 21.89
N GLY C 45 -11.97 16.59 20.95
CA GLY C 45 -13.30 17.11 21.20
C GLY C 45 -14.11 16.21 22.11
N ALA C 46 -15.42 16.50 22.16
CA ALA C 46 -16.33 15.76 23.01
C ALA C 46 -17.19 14.76 22.25
N GLY C 47 -17.45 15.00 20.98
CA GLY C 47 -18.32 14.13 20.21
C GLY C 47 -17.58 13.12 19.36
N ALA C 48 -16.26 13.30 19.24
CA ALA C 48 -15.45 12.37 18.46
C ALA C 48 -15.47 10.95 19.02
N PRO C 49 -15.29 10.72 20.32
CA PRO C 49 -15.39 9.33 20.81
C PRO C 49 -16.78 8.73 20.64
N VAL C 50 -17.83 9.54 20.79
CA VAL C 50 -19.19 9.02 20.58
C VAL C 50 -19.37 8.58 19.14
N TYR C 51 -18.97 9.43 18.19
CA TYR C 51 -19.05 9.10 16.78
C TYR C 51 -18.27 7.82 16.47
N LEU C 52 -17.03 7.74 16.98
CA LEU C 52 -16.20 6.58 16.68
C LEU C 52 -16.77 5.30 17.27
N ALA C 53 -17.27 5.37 18.50
CA ALA C 53 -17.86 4.19 19.13
C ALA C 53 -19.12 3.74 18.39
N ALA C 54 -19.94 4.70 17.93
CA ALA C 54 -21.12 4.34 17.16
C ALA C 54 -20.75 3.64 15.87
N VAL C 55 -19.76 4.17 15.15
CA VAL C 55 -19.33 3.53 13.90
C VAL C 55 -18.80 2.13 14.15
N LEU C 56 -17.98 1.97 15.20
CA LEU C 56 -17.41 0.67 15.51
C LEU C 56 -18.49 -0.35 15.87
N GLU C 57 -19.46 0.07 16.68
CA GLU C 57 -20.55 -0.84 17.04
C GLU C 57 -21.39 -1.21 15.84
N TYR C 58 -21.65 -0.26 14.94
CA TYR C 58 -22.42 -0.57 13.74
C TYR C 58 -21.69 -1.61 12.88
N LEU C 59 -20.39 -1.42 12.67
CA LEU C 59 -19.64 -2.39 11.87
C LEU C 59 -19.60 -3.76 12.53
N THR C 60 -19.43 -3.79 13.87
CA THR C 60 -19.41 -5.05 14.59
C THR C 60 -20.72 -5.80 14.42
N ALA C 61 -21.85 -5.09 14.60
CA ALA C 61 -23.15 -5.73 14.46
C ALA C 61 -23.37 -6.22 13.04
N GLU C 62 -22.96 -5.43 12.05
CA GLU C 62 -23.12 -5.82 10.65
C GLU C 62 -22.37 -7.10 10.36
N ILE C 63 -21.15 -7.24 10.86
CA ILE C 63 -20.39 -8.46 10.62
C ILE C 63 -21.01 -9.64 11.38
N LEU C 64 -21.40 -9.41 12.63
CA LEU C 64 -21.89 -10.52 13.45
C LEU C 64 -23.22 -11.08 12.96
N GLU C 65 -24.08 -10.24 12.38
CA GLU C 65 -25.34 -10.75 11.85
C GLU C 65 -25.10 -11.73 10.71
N LEU C 66 -24.25 -11.36 9.75
CA LEU C 66 -23.95 -12.26 8.65
C LEU C 66 -23.20 -13.49 9.12
N ALA C 67 -22.33 -13.36 10.13
CA ALA C 67 -21.65 -14.53 10.68
C ALA C 67 -22.65 -15.49 11.29
N GLY C 68 -23.62 -14.98 12.05
CA GLY C 68 -24.63 -15.84 12.63
C GLY C 68 -25.50 -16.50 11.59
N ASN C 69 -25.83 -15.78 10.52
CA ASN C 69 -26.59 -16.38 9.42
C ASN C 69 -25.81 -17.51 8.78
N ALA C 70 -24.52 -17.29 8.52
CA ALA C 70 -23.70 -18.34 7.91
C ALA C 70 -23.56 -19.54 8.83
N ALA C 71 -23.49 -19.30 10.14
CA ALA C 71 -23.44 -20.41 11.08
C ALA C 71 -24.75 -21.19 11.11
N ARG C 72 -25.88 -20.48 11.07
CA ARG C 72 -27.18 -21.15 11.08
C ARG C 72 -27.43 -21.94 9.81
N ASP C 73 -26.92 -21.47 8.67
CA ASP C 73 -27.11 -22.19 7.41
C ASP C 73 -26.32 -23.49 7.35
N ASN C 74 -25.61 -23.87 8.41
CA ASN C 74 -24.84 -25.11 8.44
C ASN C 74 -25.22 -25.97 9.64
N LYS C 75 -26.37 -25.70 10.27
CA LYS C 75 -26.85 -26.45 11.43
C LYS C 75 -25.85 -26.39 12.58
N LYS C 76 -25.25 -25.21 12.78
CA LYS C 76 -24.33 -24.98 13.89
C LYS C 76 -24.92 -23.92 14.83
N THR C 77 -24.47 -23.97 16.08
CA THR C 77 -24.91 -23.02 17.10
C THR C 77 -23.75 -22.21 17.69
N ARG C 78 -22.56 -22.29 17.09
CA ARG C 78 -21.39 -21.57 17.58
C ARG C 78 -20.57 -21.09 16.40
N ILE C 79 -20.17 -19.82 16.45
CA ILE C 79 -19.44 -19.19 15.35
C ILE C 79 -17.97 -19.53 15.46
N ILE C 80 -17.37 -19.90 14.32
CA ILE C 80 -15.94 -20.20 14.24
C ILE C 80 -15.33 -19.28 13.18
N PRO C 81 -14.00 -19.19 13.06
CA PRO C 81 -13.42 -18.29 12.05
C PRO C 81 -13.89 -18.57 10.63
N ARG C 82 -14.27 -19.81 10.31
CA ARG C 82 -14.76 -20.11 8.97
C ARG C 82 -16.01 -19.31 8.65
N HIS C 83 -16.91 -19.16 9.62
CA HIS C 83 -18.13 -18.38 9.40
C HIS C 83 -17.81 -16.91 9.19
N LEU C 84 -16.85 -16.36 9.94
CA LEU C 84 -16.45 -14.98 9.73
C LEU C 84 -15.86 -14.79 8.34
N GLN C 85 -15.02 -15.73 7.90
CA GLN C 85 -14.44 -15.64 6.56
C GLN C 85 -15.53 -15.67 5.50
N LEU C 86 -16.49 -16.58 5.65
CA LEU C 86 -17.59 -16.66 4.68
C LEU C 86 -18.40 -15.36 4.65
N ALA C 87 -18.74 -14.84 5.83
CA ALA C 87 -19.54 -13.62 5.89
C ALA C 87 -18.81 -12.44 5.28
N ILE C 88 -17.48 -12.36 5.48
CA ILE C 88 -16.74 -11.21 4.98
C ILE C 88 -16.53 -11.32 3.47
N ARG C 89 -16.24 -12.53 2.97
CA ARG C 89 -15.96 -12.67 1.55
C ARG C 89 -17.22 -12.76 0.69
N ASN C 90 -18.39 -13.00 1.29
CA ASN C 90 -19.64 -13.04 0.53
C ASN C 90 -20.35 -11.68 0.51
N ASP C 91 -19.68 -10.62 0.95
CA ASP C 91 -20.23 -9.27 0.92
C ASP C 91 -19.32 -8.39 0.08
N GLU C 92 -19.92 -7.46 -0.67
CA GLU C 92 -19.15 -6.63 -1.59
C GLU C 92 -18.35 -5.58 -0.83
N GLU C 93 -19.04 -4.73 -0.06
CA GLU C 93 -18.36 -3.62 0.61
C GLU C 93 -17.47 -4.11 1.74
N LEU C 94 -17.86 -5.19 2.43
CA LEU C 94 -17.01 -5.74 3.46
C LEU C 94 -15.73 -6.33 2.87
N ASN C 95 -15.83 -7.03 1.74
CA ASN C 95 -14.65 -7.52 1.07
C ASN C 95 -13.78 -6.39 0.55
N LYS C 96 -14.40 -5.28 0.15
CA LYS C 96 -13.63 -4.12 -0.30
C LYS C 96 -12.88 -3.48 0.87
N LEU C 97 -13.51 -3.41 2.04
CA LEU C 97 -12.87 -2.78 3.19
C LEU C 97 -11.69 -3.60 3.69
N LEU C 98 -11.89 -4.90 3.84
CA LEU C 98 -10.83 -5.80 4.33
C LEU C 98 -10.15 -6.51 3.16
N GLY C 99 -9.48 -5.71 2.32
CA GLY C 99 -8.86 -6.25 1.12
C GLY C 99 -7.47 -6.81 1.31
N ARG C 100 -6.76 -6.37 2.34
CA ARG C 100 -5.40 -6.83 2.61
C ARG C 100 -5.31 -7.47 4.00
N VAL C 101 -6.31 -8.27 4.35
CA VAL C 101 -6.37 -8.92 5.66
C VAL C 101 -6.45 -10.43 5.46
N THR C 102 -5.74 -11.17 6.30
CA THR C 102 -5.74 -12.62 6.28
C THR C 102 -6.37 -13.14 7.57
N ILE C 103 -7.37 -14.01 7.44
CA ILE C 103 -8.04 -14.62 8.57
C ILE C 103 -7.36 -15.96 8.86
N ALA C 104 -7.00 -16.19 10.11
CA ALA C 104 -6.34 -17.42 10.50
C ALA C 104 -7.37 -18.54 10.63
N GLN C 105 -7.05 -19.70 10.04
CA GLN C 105 -7.94 -20.87 10.06
C GLN C 105 -9.29 -20.55 9.43
N GLY C 106 -9.28 -19.72 8.40
CA GLY C 106 -10.51 -19.31 7.75
C GLY C 106 -10.78 -20.05 6.45
N GLY C 107 -9.72 -20.48 5.77
CA GLY C 107 -9.87 -21.18 4.52
C GLY C 107 -10.15 -20.25 3.36
N VAL C 108 -10.65 -20.85 2.28
CA VAL C 108 -10.99 -20.12 1.06
C VAL C 108 -12.45 -20.36 0.72
N LEU C 109 -12.93 -19.65 -0.29
CA LEU C 109 -14.29 -19.82 -0.79
C LEU C 109 -14.30 -20.86 -1.91
N PRO C 110 -15.29 -21.75 -1.97
CA PRO C 110 -15.33 -22.72 -3.06
C PRO C 110 -15.52 -22.08 -4.42
N ASN C 111 -14.49 -22.17 -5.27
CA ASN C 111 -14.51 -21.55 -6.59
C ASN C 111 -14.06 -22.59 -7.62
N ILE C 112 -15.02 -23.33 -8.16
CA ILE C 112 -14.82 -24.37 -9.16
C ILE C 112 -13.57 -25.21 -8.90
N ARG D 34 -2.31 -6.87 33.67
CA ARG D 34 -3.71 -6.98 33.32
C ARG D 34 -3.94 -6.54 31.88
N LYS D 35 -4.66 -7.35 31.11
CA LYS D 35 -4.90 -7.09 29.70
C LYS D 35 -6.27 -6.47 29.50
N GLU D 36 -6.51 -5.98 28.28
CA GLU D 36 -7.78 -5.36 27.91
C GLU D 36 -8.18 -5.82 26.52
N SER D 37 -9.49 -6.02 26.32
CA SER D 37 -10.03 -6.41 25.03
C SER D 37 -11.46 -5.90 24.94
N TYR D 38 -12.13 -6.23 23.83
CA TYR D 38 -13.51 -5.82 23.58
C TYR D 38 -14.48 -6.99 23.69
N SER D 39 -14.18 -7.99 24.51
CA SER D 39 -14.96 -9.23 24.50
C SER D 39 -16.37 -9.01 25.01
N VAL D 40 -16.53 -8.25 26.11
CA VAL D 40 -17.85 -8.09 26.71
C VAL D 40 -18.80 -7.38 25.77
N TYR D 41 -18.31 -6.36 25.06
CA TYR D 41 -19.18 -5.59 24.18
C TYR D 41 -19.54 -6.39 22.93
N VAL D 42 -18.59 -7.15 22.39
CA VAL D 42 -18.89 -8.03 21.26
C VAL D 42 -19.94 -9.06 21.66
N TYR D 43 -19.81 -9.62 22.88
CA TYR D 43 -20.80 -10.59 23.34
C TYR D 43 -22.16 -9.93 23.54
N LYS D 44 -22.18 -8.69 24.02
CA LYS D 44 -23.44 -7.98 24.17
C LYS D 44 -24.14 -7.78 22.84
N VAL D 45 -23.40 -7.29 21.84
CA VAL D 45 -24.04 -7.07 20.54
C VAL D 45 -24.40 -8.39 19.87
N LEU D 46 -23.67 -9.47 20.17
CA LEU D 46 -24.04 -10.77 19.63
C LEU D 46 -25.34 -11.29 20.25
N LYS D 47 -25.48 -11.14 21.56
CA LYS D 47 -26.75 -11.50 22.20
C LYS D 47 -27.87 -10.60 21.71
N GLN D 48 -27.56 -9.40 21.26
CA GLN D 48 -28.57 -8.52 20.69
C GLN D 48 -29.01 -9.01 19.31
N VAL D 49 -28.06 -9.42 18.47
CA VAL D 49 -28.41 -9.82 17.11
C VAL D 49 -28.80 -11.29 17.01
N HIS D 50 -28.30 -12.16 17.89
CA HIS D 50 -28.61 -13.58 17.87
C HIS D 50 -28.70 -14.08 19.30
N PRO D 51 -29.91 -14.33 19.81
CA PRO D 51 -30.05 -14.69 21.23
C PRO D 51 -29.56 -16.09 21.55
N ASP D 52 -29.53 -17.00 20.59
CA ASP D 52 -29.21 -18.40 20.83
C ASP D 52 -28.00 -18.86 20.02
N THR D 53 -26.94 -18.05 20.03
CA THR D 53 -25.72 -18.41 19.31
C THR D 53 -24.51 -18.03 20.15
N GLY D 54 -23.52 -18.94 20.19
CA GLY D 54 -22.29 -18.70 20.91
C GLY D 54 -21.15 -18.35 19.97
N ILE D 55 -19.95 -18.28 20.55
CA ILE D 55 -18.75 -17.90 19.82
C ILE D 55 -17.54 -18.55 20.47
N SER D 56 -16.52 -18.80 19.67
CA SER D 56 -15.28 -19.42 20.15
C SER D 56 -14.33 -18.35 20.66
N SER D 57 -13.09 -18.73 20.93
CA SER D 57 -12.08 -17.78 21.42
C SER D 57 -11.26 -17.20 20.27
N LYS D 58 -10.96 -18.00 19.26
CA LYS D 58 -10.23 -17.48 18.09
C LYS D 58 -11.06 -16.45 17.35
N ALA D 59 -12.37 -16.68 17.25
CA ALA D 59 -13.25 -15.69 16.62
C ALA D 59 -13.25 -14.39 17.43
N MET D 60 -13.23 -14.48 18.76
CA MET D 60 -13.18 -13.28 19.58
C MET D 60 -11.87 -12.54 19.39
N GLY D 61 -10.76 -13.26 19.28
CA GLY D 61 -9.49 -12.60 18.98
C GLY D 61 -9.50 -11.91 17.64
N ILE D 62 -10.09 -12.55 16.63
CA ILE D 62 -10.20 -11.94 15.30
C ILE D 62 -11.03 -10.66 15.38
N MET D 63 -12.13 -10.69 16.13
CA MET D 63 -12.96 -9.49 16.28
C MET D 63 -12.20 -8.37 16.98
N ASN D 64 -11.42 -8.71 18.01
CA ASN D 64 -10.60 -7.71 18.68
C ASN D 64 -9.62 -7.07 17.71
N SER D 65 -8.96 -7.89 16.90
CA SER D 65 -8.01 -7.38 15.91
C SER D 65 -8.71 -6.45 14.91
N PHE D 66 -9.91 -6.83 14.48
CA PHE D 66 -10.66 -6.00 13.53
C PHE D 66 -10.99 -4.64 14.12
N VAL D 67 -11.48 -4.64 15.37
CA VAL D 67 -11.82 -3.37 16.03
C VAL D 67 -10.59 -2.48 16.15
N ASN D 68 -9.46 -3.06 16.58
CA ASN D 68 -8.24 -2.27 16.73
C ASN D 68 -7.77 -1.69 15.40
N ASP D 69 -7.83 -2.49 14.34
CA ASP D 69 -7.41 -2.02 13.03
C ASP D 69 -8.25 -0.84 12.56
N ILE D 70 -9.57 -0.97 12.66
CA ILE D 70 -10.44 0.11 12.19
C ILE D 70 -10.23 1.37 13.03
N PHE D 71 -10.09 1.20 14.34
CA PHE D 71 -9.80 2.34 15.21
C PHE D 71 -8.55 3.08 14.74
N GLU D 72 -7.46 2.34 14.50
CA GLU D 72 -6.21 2.98 14.10
C GLU D 72 -6.37 3.71 12.77
N ARG D 73 -7.02 3.07 11.79
CA ARG D 73 -7.22 3.73 10.50
C ARG D 73 -7.95 5.06 10.65
N ILE D 74 -9.11 5.04 11.32
CA ILE D 74 -9.91 6.25 11.41
C ILE D 74 -9.17 7.33 12.19
N ALA D 75 -8.50 6.95 13.28
CA ALA D 75 -7.81 7.96 14.09
C ALA D 75 -6.66 8.60 13.32
N GLY D 76 -5.88 7.80 12.59
CA GLY D 76 -4.80 8.38 11.80
C GLY D 76 -5.29 9.31 10.71
N GLU D 77 -6.36 8.91 10.02
CA GLU D 77 -6.91 9.77 8.97
C GLU D 77 -7.41 11.09 9.56
N ALA D 78 -8.11 11.03 10.69
CA ALA D 78 -8.58 12.27 11.32
C ALA D 78 -7.42 13.15 11.77
N SER D 79 -6.35 12.54 12.26
CA SER D 79 -5.18 13.31 12.69
C SER D 79 -4.56 14.05 11.52
N ARG D 80 -4.33 13.36 10.40
CA ARG D 80 -3.71 14.04 9.27
C ARG D 80 -4.66 15.07 8.65
N LEU D 81 -5.98 14.84 8.71
CA LEU D 81 -6.93 15.84 8.27
C LEU D 81 -6.82 17.10 9.11
N ALA D 82 -6.77 16.95 10.44
CA ALA D 82 -6.61 18.11 11.30
C ALA D 82 -5.30 18.82 11.06
N HIS D 83 -4.24 18.07 10.71
CA HIS D 83 -2.95 18.70 10.45
C HIS D 83 -2.96 19.48 9.14
N TYR D 84 -3.69 19.00 8.13
CA TYR D 84 -3.67 19.67 6.83
C TYR D 84 -4.24 21.09 6.92
N ASN D 85 -5.29 21.28 7.70
CA ASN D 85 -5.98 22.57 7.77
C ASN D 85 -5.51 23.45 8.91
N LYS D 86 -4.36 23.14 9.51
CA LYS D 86 -3.76 23.96 10.56
C LYS D 86 -4.68 24.09 11.77
N ARG D 87 -5.12 22.94 12.28
CA ARG D 87 -5.96 22.88 13.47
C ARG D 87 -5.30 22.00 14.52
N SER D 88 -5.63 22.27 15.78
CA SER D 88 -5.06 21.55 16.91
C SER D 88 -6.10 20.74 17.67
N THR D 89 -7.30 20.56 17.11
CA THR D 89 -8.37 19.83 17.76
C THR D 89 -8.97 18.82 16.79
N ILE D 90 -9.37 17.67 17.34
CA ILE D 90 -10.07 16.64 16.58
C ILE D 90 -11.51 16.62 17.05
N THR D 91 -12.44 16.90 16.14
CA THR D 91 -13.85 16.98 16.42
C THR D 91 -14.61 15.92 15.64
N SER D 92 -15.93 15.87 15.85
CA SER D 92 -16.76 14.91 15.14
C SER D 92 -16.80 15.19 13.64
N ARG D 93 -16.51 16.42 13.22
CA ARG D 93 -16.46 16.72 11.79
C ARG D 93 -15.31 16.01 11.12
N GLU D 94 -14.14 16.00 11.76
CA GLU D 94 -13.00 15.25 11.22
C GLU D 94 -13.30 13.75 11.18
N ILE D 95 -13.97 13.23 12.20
CA ILE D 95 -14.35 11.82 12.21
C ILE D 95 -15.30 11.51 11.06
N GLN D 96 -16.27 12.39 10.82
CA GLN D 96 -17.23 12.17 9.74
C GLN D 96 -16.53 12.21 8.38
N THR D 97 -15.62 13.17 8.19
CA THR D 97 -14.90 13.25 6.93
C THR D 97 -14.01 12.03 6.72
N ALA D 98 -13.36 11.56 7.79
CA ALA D 98 -12.54 10.36 7.68
C ALA D 98 -13.38 9.13 7.35
N VAL D 99 -14.56 9.02 7.96
CA VAL D 99 -15.46 7.91 7.64
C VAL D 99 -15.89 7.97 6.18
N ARG D 100 -16.23 9.16 5.70
CA ARG D 100 -16.61 9.31 4.29
C ARG D 100 -15.45 8.97 3.36
N LEU D 101 -14.22 9.25 3.78
CA LEU D 101 -13.06 8.96 2.94
C LEU D 101 -12.68 7.48 2.97
N LEU D 102 -12.95 6.78 4.07
CA LEU D 102 -12.46 5.43 4.28
C LEU D 102 -13.45 4.34 3.91
N LEU D 103 -14.76 4.55 4.17
CA LEU D 103 -15.65 3.43 3.92
C LEU D 103 -16.31 3.53 2.56
N PRO D 104 -16.65 2.39 1.94
CA PRO D 104 -17.40 2.42 0.67
C PRO D 104 -18.80 3.03 0.84
N GLY D 105 -19.51 3.18 -0.28
CA GLY D 105 -20.71 4.00 -0.33
C GLY D 105 -21.80 3.79 0.71
N GLU D 106 -22.48 2.65 0.64
CA GLU D 106 -23.62 2.43 1.53
C GLU D 106 -23.17 2.26 2.97
N LEU D 107 -22.03 1.59 3.18
CA LEU D 107 -21.47 1.50 4.52
C LEU D 107 -21.21 2.89 5.10
N ALA D 108 -20.63 3.79 4.28
CA ALA D 108 -20.35 5.13 4.77
C ALA D 108 -21.63 5.88 5.07
N LYS D 109 -22.65 5.74 4.21
CA LYS D 109 -23.92 6.43 4.45
C LYS D 109 -24.56 5.97 5.76
N HIS D 110 -24.65 4.66 5.96
CA HIS D 110 -25.28 4.15 7.18
C HIS D 110 -24.45 4.47 8.42
N ALA D 111 -23.11 4.45 8.31
CA ALA D 111 -22.29 4.79 9.45
C ALA D 111 -22.42 6.27 9.82
N VAL D 112 -22.50 7.14 8.81
CA VAL D 112 -22.72 8.56 9.06
C VAL D 112 -24.07 8.77 9.75
N SER D 113 -25.11 8.06 9.27
CA SER D 113 -26.42 8.16 9.90
C SER D 113 -26.37 7.72 11.36
N GLU D 114 -25.71 6.59 11.63
CA GLU D 114 -25.62 6.08 12.99
C GLU D 114 -24.88 7.05 13.89
N GLY D 115 -23.75 7.58 13.42
CA GLY D 115 -22.98 8.52 14.23
C GLY D 115 -23.74 9.80 14.50
N THR D 116 -24.43 10.33 13.49
CA THR D 116 -25.23 11.54 13.69
C THR D 116 -26.34 11.30 14.70
N LYS D 117 -27.03 10.17 14.60
CA LYS D 117 -28.09 9.85 15.55
C LYS D 117 -27.53 9.71 16.96
N ALA D 118 -26.37 9.08 17.11
CA ALA D 118 -25.77 8.91 18.42
C ALA D 118 -25.38 10.25 19.03
N VAL D 119 -24.78 11.13 18.22
CA VAL D 119 -24.39 12.45 18.74
C VAL D 119 -25.60 13.27 19.10
N THR D 120 -26.67 13.20 18.30
CA THR D 120 -27.88 13.93 18.61
C THR D 120 -28.53 13.42 19.89
N LYS D 121 -28.52 12.11 20.10
CA LYS D 121 -29.08 11.56 21.33
C LYS D 121 -28.24 11.92 22.54
N TYR D 122 -26.91 11.96 22.38
CA TYR D 122 -26.02 12.28 23.49
C TYR D 122 -26.10 13.76 23.86
N THR D 123 -26.33 14.63 22.87
CA THR D 123 -26.36 16.06 23.15
C THR D 123 -27.57 16.45 23.98
N SER D 124 -28.72 15.81 23.73
CA SER D 124 -29.96 16.15 24.42
C SER D 124 -30.06 15.40 25.75
N SER D 125 -29.09 15.67 26.62
CA SER D 125 -29.06 15.05 27.94
C SER D 125 -28.38 15.96 28.96
N GLY E 46 -11.29 -38.31 -9.49
CA GLY E 46 -10.35 -38.37 -8.38
C GLY E 46 -9.86 -37.00 -7.94
N TRP E 47 -9.33 -36.23 -8.89
CA TRP E 47 -8.85 -34.88 -8.58
C TRP E 47 -10.00 -33.96 -8.18
N LEU E 48 -11.18 -34.17 -8.75
CA LEU E 48 -12.32 -33.29 -8.45
C LEU E 48 -12.76 -33.44 -7.00
N LYS E 49 -12.89 -34.68 -6.52
CA LYS E 49 -13.24 -34.91 -5.13
C LYS E 49 -12.15 -34.36 -4.20
N GLU E 50 -10.89 -34.49 -4.60
CA GLU E 50 -9.80 -33.98 -3.78
C GLU E 50 -9.88 -32.46 -3.65
N ILE E 51 -10.10 -31.76 -4.76
CA ILE E 51 -10.22 -30.31 -4.71
C ILE E 51 -11.43 -29.90 -3.90
N ARG E 52 -12.57 -30.59 -4.10
CA ARG E 52 -13.79 -30.22 -3.38
C ARG E 52 -13.67 -30.46 -1.89
N LYS E 53 -12.89 -31.47 -1.49
CA LYS E 53 -12.69 -31.74 -0.07
C LYS E 53 -11.67 -30.78 0.54
N LEU E 54 -10.62 -30.43 -0.21
CA LEU E 54 -9.61 -29.53 0.32
C LEU E 54 -10.11 -28.09 0.41
N GLN E 55 -11.01 -27.69 -0.49
CA GLN E 55 -11.55 -26.33 -0.43
C GLN E 55 -12.54 -26.15 0.71
N LYS E 56 -12.91 -27.21 1.41
CA LYS E 56 -13.83 -27.12 2.53
C LYS E 56 -13.15 -27.16 3.89
N SER E 57 -11.94 -27.72 3.98
CA SER E 57 -11.22 -27.80 5.24
C SER E 57 -10.44 -26.51 5.50
N THR E 58 -9.91 -26.39 6.72
CA THR E 58 -9.21 -25.18 7.11
C THR E 58 -7.94 -25.45 7.90
N HIS E 59 -7.39 -26.65 7.83
CA HIS E 59 -6.19 -26.99 8.59
C HIS E 59 -4.93 -26.75 7.77
N LEU E 60 -3.80 -26.71 8.45
CA LEU E 60 -2.52 -26.50 7.79
C LEU E 60 -2.10 -27.74 7.01
N LEU E 61 -1.34 -27.52 5.93
CA LEU E 61 -0.98 -28.60 5.02
C LEU E 61 0.49 -29.00 5.07
N ILE E 62 1.35 -28.19 5.67
CA ILE E 62 2.76 -28.50 5.80
C ILE E 62 3.04 -28.94 7.23
N ARG E 63 3.94 -29.91 7.38
CA ARG E 63 4.29 -30.42 8.70
C ARG E 63 5.00 -29.35 9.53
N LYS E 64 5.03 -29.57 10.85
CA LYS E 64 5.56 -28.56 11.76
C LYS E 64 7.07 -28.63 11.87
N LEU E 65 7.63 -29.85 11.96
CA LEU E 65 9.05 -29.98 12.22
C LEU E 65 9.92 -29.50 11.06
N PRO E 66 9.65 -29.86 9.80
CA PRO E 66 10.48 -29.30 8.71
C PRO E 66 10.39 -27.80 8.60
N PHE E 67 9.19 -27.23 8.79
CA PHE E 67 9.04 -25.79 8.76
C PHE E 67 9.84 -25.13 9.87
N SER E 68 9.80 -25.72 11.08
CA SER E 68 10.58 -25.18 12.19
C SER E 68 12.07 -25.22 11.89
N ARG E 69 12.56 -26.34 11.35
CA ARG E 69 13.98 -26.44 11.03
C ARG E 69 14.39 -25.39 10.00
N LEU E 70 13.61 -25.25 8.93
CA LEU E 70 13.94 -24.28 7.89
C LEU E 70 13.93 -22.86 8.43
N ALA E 71 12.91 -22.51 9.22
CA ALA E 71 12.84 -21.16 9.78
C ALA E 71 14.01 -20.89 10.71
N ARG E 72 14.39 -21.88 11.52
CA ARG E 72 15.50 -21.68 12.46
C ARG E 72 16.81 -21.51 11.71
N GLU E 73 17.04 -22.28 10.64
CA GLU E 73 18.29 -22.12 9.91
C GLU E 73 18.33 -20.78 9.17
N ILE E 74 17.20 -20.34 8.63
CA ILE E 74 17.17 -19.04 7.95
C ILE E 74 17.39 -17.92 8.97
N CYS E 75 16.86 -18.07 10.18
CA CYS E 75 17.05 -17.05 11.20
C CYS E 75 18.50 -17.01 11.67
N VAL E 76 19.12 -18.18 11.84
CA VAL E 76 20.52 -18.20 12.27
C VAL E 76 21.46 -17.73 11.16
N LYS E 77 21.01 -17.78 9.90
CA LYS E 77 21.82 -17.26 8.81
C LYS E 77 21.95 -15.73 8.87
N PHE E 78 20.97 -15.03 9.44
CA PHE E 78 20.94 -13.58 9.43
C PHE E 78 21.76 -12.96 10.56
N THR E 79 21.75 -13.57 11.73
CA THR E 79 22.46 -13.02 12.89
C THR E 79 23.96 -13.29 12.75
N ARG E 80 24.70 -13.01 13.81
CA ARG E 80 26.16 -13.16 13.82
C ARG E 80 26.59 -14.48 14.45
N GLY E 81 25.81 -15.54 14.24
CA GLY E 81 26.09 -16.84 14.81
C GLY E 81 25.34 -17.15 16.08
N VAL E 82 24.72 -16.15 16.71
CA VAL E 82 23.94 -16.41 17.92
C VAL E 82 22.66 -17.14 17.56
N ASP E 83 22.20 -17.98 18.49
CA ASP E 83 20.99 -18.75 18.30
C ASP E 83 19.86 -18.12 19.09
N PHE E 84 18.76 -17.79 18.41
CA PHE E 84 17.58 -17.20 19.04
C PHE E 84 16.55 -18.28 19.34
N ASN E 85 15.84 -18.10 20.44
CA ASN E 85 14.73 -18.97 20.75
C ASN E 85 13.47 -18.51 20.01
N TRP E 86 12.52 -19.44 19.85
CA TRP E 86 11.30 -19.18 19.13
C TRP E 86 10.11 -19.63 19.96
N GLN E 87 9.05 -18.83 19.95
CA GLN E 87 7.78 -19.24 20.53
C GLN E 87 6.99 -20.07 19.52
N ALA E 88 6.07 -20.88 20.04
CA ALA E 88 5.26 -21.72 19.17
C ALA E 88 4.27 -20.89 18.36
N GLN E 89 3.67 -19.88 18.99
CA GLN E 89 2.71 -19.03 18.29
C GLN E 89 3.36 -18.28 17.14
N ALA E 90 4.63 -17.90 17.28
CA ALA E 90 5.33 -17.20 16.20
C ALA E 90 5.47 -18.09 14.97
N LEU E 91 5.90 -19.33 15.19
CA LEU E 91 6.03 -20.27 14.07
C LEU E 91 4.67 -20.58 13.46
N LEU E 92 3.64 -20.70 14.28
CA LEU E 92 2.30 -20.94 13.74
C LEU E 92 1.83 -19.79 12.87
N ALA E 93 2.03 -18.55 13.33
CA ALA E 93 1.63 -17.38 12.54
C ALA E 93 2.40 -17.30 11.24
N LEU E 94 3.72 -17.58 11.29
CA LEU E 94 4.53 -17.57 10.08
C LEU E 94 4.03 -18.60 9.09
N GLN E 95 3.70 -19.81 9.56
CA GLN E 95 3.21 -20.85 8.66
C GLN E 95 1.87 -20.47 8.05
N GLU E 96 0.97 -19.90 8.86
CA GLU E 96 -0.32 -19.47 8.34
C GLU E 96 -0.15 -18.44 7.23
N ALA E 97 0.66 -17.42 7.48
CA ALA E 97 0.88 -16.37 6.48
C ALA E 97 1.48 -16.95 5.20
N ALA E 98 2.48 -17.82 5.34
CA ALA E 98 3.13 -18.39 4.16
C ALA E 98 2.15 -19.22 3.34
N GLU E 99 1.32 -20.03 3.99
CA GLU E 99 0.40 -20.89 3.25
C GLU E 99 -0.67 -20.06 2.56
N ALA E 100 -1.19 -19.02 3.23
CA ALA E 100 -2.16 -18.15 2.57
C ALA E 100 -1.56 -17.49 1.34
N PHE E 101 -0.33 -16.97 1.47
CA PHE E 101 0.35 -16.35 0.35
C PHE E 101 0.48 -17.32 -0.81
N LEU E 102 0.91 -18.55 -0.52
CA LEU E 102 1.11 -19.53 -1.58
C LEU E 102 -0.19 -19.89 -2.29
N VAL E 103 -1.28 -20.06 -1.52
CA VAL E 103 -2.55 -20.41 -2.14
C VAL E 103 -3.05 -19.28 -3.04
N HIS E 104 -2.93 -18.03 -2.58
CA HIS E 104 -3.37 -16.91 -3.42
C HIS E 104 -2.53 -16.80 -4.69
N LEU E 105 -1.21 -17.00 -4.56
CA LEU E 105 -0.35 -16.94 -5.74
C LEU E 105 -0.70 -18.05 -6.73
N PHE E 106 -1.04 -19.23 -6.22
CA PHE E 106 -1.45 -20.32 -7.11
C PHE E 106 -2.74 -20.00 -7.83
N GLU E 107 -3.68 -19.35 -7.13
CA GLU E 107 -4.92 -18.92 -7.80
C GLU E 107 -4.63 -17.96 -8.95
N ASP E 108 -3.78 -16.96 -8.69
CA ASP E 108 -3.44 -16.00 -9.76
C ASP E 108 -2.73 -16.69 -10.92
N ALA E 109 -1.78 -17.57 -10.61
CA ALA E 109 -1.05 -18.27 -11.65
C ALA E 109 -1.96 -19.15 -12.49
N TYR E 110 -2.99 -19.76 -11.87
CA TYR E 110 -3.90 -20.57 -12.67
C TYR E 110 -4.85 -19.72 -13.50
N LEU E 111 -5.20 -18.51 -13.01
CA LEU E 111 -5.89 -17.57 -13.88
C LEU E 111 -5.07 -17.28 -15.13
N LEU E 112 -3.77 -17.02 -14.94
CA LEU E 112 -2.91 -16.78 -16.10
C LEU E 112 -2.81 -18.00 -17.00
N THR E 113 -2.76 -19.20 -16.41
CA THR E 113 -2.69 -20.42 -17.21
C THR E 113 -3.94 -20.59 -18.06
N LEU E 114 -5.11 -20.36 -17.48
CA LEU E 114 -6.34 -20.43 -18.25
C LEU E 114 -6.40 -19.38 -19.34
N HIS E 115 -5.85 -18.19 -19.08
CA HIS E 115 -5.80 -17.17 -20.13
C HIS E 115 -4.88 -17.61 -21.28
N ALA E 116 -3.79 -18.29 -20.95
CA ALA E 116 -2.85 -18.72 -21.99
C ALA E 116 -3.38 -19.85 -22.87
N GLY E 117 -4.50 -20.45 -22.51
CA GLY E 117 -5.09 -21.50 -23.31
C GLY E 117 -4.71 -22.91 -22.92
N ARG E 118 -4.16 -23.12 -21.72
CA ARG E 118 -3.74 -24.43 -21.26
C ARG E 118 -4.47 -24.78 -19.97
N VAL E 119 -4.28 -26.01 -19.51
CA VAL E 119 -4.83 -26.46 -18.24
C VAL E 119 -3.74 -26.87 -17.25
N THR E 120 -2.49 -26.99 -17.67
CA THR E 120 -1.38 -27.36 -16.80
C THR E 120 -0.62 -26.11 -16.38
N LEU E 121 -0.31 -26.02 -15.09
CA LEU E 121 0.40 -24.88 -14.55
C LEU E 121 1.89 -24.96 -14.86
N PHE E 122 2.47 -23.84 -15.27
CA PHE E 122 3.87 -23.72 -15.62
C PHE E 122 4.56 -22.71 -14.71
N PRO E 123 5.89 -22.79 -14.57
CA PRO E 123 6.59 -21.80 -13.75
C PRO E 123 6.54 -20.39 -14.32
N LYS E 124 6.45 -20.25 -15.65
CA LYS E 124 6.38 -18.92 -16.24
C LYS E 124 5.08 -18.22 -15.89
N ASP E 125 4.01 -18.98 -15.62
CA ASP E 125 2.78 -18.37 -15.14
C ASP E 125 2.99 -17.72 -13.78
N VAL E 126 3.68 -18.42 -12.87
CA VAL E 126 3.99 -17.85 -11.56
C VAL E 126 4.89 -16.63 -11.72
N GLN E 127 5.86 -16.71 -12.61
CA GLN E 127 6.77 -15.58 -12.83
C GLN E 127 6.01 -14.36 -13.35
N LEU E 128 5.12 -14.56 -14.32
CA LEU E 128 4.37 -13.44 -14.87
C LEU E 128 3.40 -12.86 -13.83
N ALA E 129 2.81 -13.72 -13.00
CA ALA E 129 1.95 -13.22 -11.93
C ALA E 129 2.75 -12.36 -10.96
N ARG E 130 3.94 -12.82 -10.57
CA ARG E 130 4.80 -12.03 -9.69
C ARG E 130 5.17 -10.71 -10.34
N ARG E 131 5.42 -10.70 -11.65
CA ARG E 131 5.79 -9.46 -12.33
C ARG E 131 4.63 -8.48 -12.39
N ILE E 132 3.42 -8.99 -12.70
CA ILE E 132 2.26 -8.11 -12.81
C ILE E 132 1.87 -7.57 -11.43
N ARG E 133 2.07 -8.35 -10.37
CA ARG E 133 1.73 -7.89 -9.03
C ARG E 133 2.53 -6.65 -8.63
N GLY E 134 3.70 -6.44 -9.20
CA GLY E 134 4.38 -5.16 -9.12
C GLY E 134 5.31 -4.90 -7.96
N LEU E 135 6.30 -5.78 -7.77
CA LEU E 135 7.49 -5.47 -6.99
C LEU E 135 7.22 -5.38 -5.48
N GLU E 136 5.96 -5.44 -5.09
CA GLU E 136 5.64 -5.36 -3.67
C GLU E 136 4.77 -6.52 -3.20
N GLU E 137 3.82 -6.96 -4.01
CA GLU E 137 2.99 -8.09 -3.66
C GLU E 137 3.53 -9.41 -4.20
N GLY E 138 4.17 -9.39 -5.37
CA GLY E 138 4.82 -10.57 -5.88
C GLY E 138 6.32 -10.55 -5.70
N LEU E 139 6.79 -11.22 -4.66
CA LEU E 139 8.22 -11.29 -4.34
C LEU E 139 8.46 -12.25 -3.19
N LEU F 23 14.52 -34.84 2.94
CA LEU F 23 15.91 -35.25 2.78
C LEU F 23 16.79 -34.59 3.84
N ARG F 24 18.11 -34.58 3.59
CA ARG F 24 19.04 -34.01 4.55
C ARG F 24 18.95 -32.49 4.56
N ASP F 25 18.89 -31.87 3.39
CA ASP F 25 18.77 -30.42 3.32
C ASP F 25 17.43 -29.98 3.87
N ASN F 26 17.44 -28.87 4.63
CA ASN F 26 16.22 -28.42 5.28
C ASN F 26 15.19 -27.92 4.27
N ILE F 27 15.62 -27.44 3.11
CA ILE F 27 14.68 -26.98 2.10
C ILE F 27 13.93 -28.15 1.49
N GLN F 28 14.51 -29.35 1.52
CA GLN F 28 13.85 -30.53 0.98
C GLN F 28 12.80 -31.10 1.92
N GLY F 29 12.67 -30.55 3.13
CA GLY F 29 11.64 -31.00 4.04
C GLY F 29 10.23 -30.67 3.58
N ILE F 30 10.08 -29.66 2.74
CA ILE F 30 8.79 -29.34 2.13
C ILE F 30 8.59 -30.31 0.97
N THR F 31 7.80 -31.35 1.20
CA THR F 31 7.69 -32.46 0.26
C THR F 31 6.70 -32.15 -0.86
N LYS F 32 6.72 -33.02 -1.87
CA LYS F 32 5.78 -32.87 -2.99
C LYS F 32 4.33 -33.05 -2.59
N PRO F 33 3.94 -33.97 -1.69
CA PRO F 33 2.52 -34.02 -1.28
C PRO F 33 1.99 -32.72 -0.71
N ALA F 34 2.79 -32.00 0.09
CA ALA F 34 2.31 -30.75 0.67
C ALA F 34 2.10 -29.68 -0.41
N ILE F 35 3.04 -29.56 -1.34
CA ILE F 35 2.89 -28.61 -2.44
C ILE F 35 1.68 -28.98 -3.29
N ARG F 36 1.47 -30.28 -3.51
CA ARG F 36 0.32 -30.73 -4.27
C ARG F 36 -0.98 -30.37 -3.57
N ARG F 37 -1.02 -30.53 -2.24
CA ARG F 37 -2.23 -30.18 -1.50
C ARG F 37 -2.48 -28.68 -1.55
N LEU F 38 -1.43 -27.87 -1.45
CA LEU F 38 -1.60 -26.42 -1.56
C LEU F 38 -2.13 -26.03 -2.92
N ALA F 39 -1.58 -26.62 -3.99
CA ALA F 39 -2.06 -26.31 -5.33
C ALA F 39 -3.49 -26.77 -5.54
N ARG F 40 -3.87 -27.92 -4.96
CA ARG F 40 -5.24 -28.40 -5.09
C ARG F 40 -6.21 -27.51 -4.33
N ARG F 41 -5.80 -27.01 -3.17
CA ARG F 41 -6.64 -26.05 -2.46
C ARG F 41 -6.79 -24.77 -3.25
N GLY F 42 -5.72 -24.35 -3.93
CA GLY F 42 -5.81 -23.17 -4.78
C GLY F 42 -6.68 -23.32 -6.01
N GLY F 43 -7.10 -24.54 -6.33
CA GLY F 43 -7.95 -24.80 -7.48
C GLY F 43 -7.23 -25.36 -8.69
N VAL F 44 -5.94 -25.68 -8.57
CA VAL F 44 -5.18 -26.18 -9.72
C VAL F 44 -5.58 -27.63 -9.99
N LYS F 45 -5.69 -27.97 -11.28
CA LYS F 45 -6.10 -29.31 -11.70
C LYS F 45 -4.95 -30.19 -12.15
N ARG F 46 -3.95 -29.64 -12.83
CA ARG F 46 -2.84 -30.42 -13.36
C ARG F 46 -1.56 -29.62 -13.17
N ILE F 47 -0.53 -30.25 -12.61
CA ILE F 47 0.72 -29.58 -12.25
C ILE F 47 1.87 -30.24 -13.00
N SER F 48 2.93 -29.48 -13.21
CA SER F 48 4.13 -29.94 -13.89
C SER F 48 5.23 -30.26 -12.87
N GLY F 49 6.28 -30.92 -13.35
CA GLY F 49 7.32 -31.37 -12.45
C GLY F 49 8.21 -30.25 -11.97
N LEU F 50 8.38 -29.20 -12.77
CA LEU F 50 9.28 -28.10 -12.43
C LEU F 50 8.68 -27.11 -11.45
N ILE F 51 7.49 -27.37 -10.91
CA ILE F 51 6.81 -26.39 -10.07
C ILE F 51 7.35 -26.40 -8.64
N TYR F 52 7.82 -27.55 -8.16
CA TYR F 52 8.15 -27.69 -6.75
C TYR F 52 9.38 -26.86 -6.38
N GLU F 53 10.40 -26.84 -7.24
CA GLU F 53 11.59 -26.05 -6.95
C GLU F 53 11.28 -24.55 -6.97
N GLU F 54 10.45 -24.13 -7.94
CA GLU F 54 10.04 -22.73 -7.98
C GLU F 54 9.27 -22.33 -6.73
N THR F 55 8.37 -23.22 -6.27
CA THR F 55 7.62 -22.94 -5.04
C THR F 55 8.55 -22.86 -3.84
N ARG F 56 9.54 -23.76 -3.77
CA ARG F 56 10.51 -23.70 -2.69
C ARG F 56 11.28 -22.39 -2.69
N GLY F 57 11.70 -21.93 -3.87
CA GLY F 57 12.42 -20.67 -3.95
C GLY F 57 11.58 -19.47 -3.54
N VAL F 58 10.32 -19.44 -3.99
CA VAL F 58 9.43 -18.34 -3.62
C VAL F 58 9.19 -18.33 -2.11
N LEU F 59 8.94 -19.51 -1.54
CA LEU F 59 8.76 -19.61 -0.09
C LEU F 59 10.01 -19.16 0.65
N LYS F 60 11.19 -19.49 0.12
CA LYS F 60 12.44 -19.09 0.76
C LYS F 60 12.58 -17.57 0.75
N VAL F 61 12.27 -16.93 -0.37
CA VAL F 61 12.37 -15.46 -0.44
C VAL F 61 11.40 -14.81 0.55
N PHE F 62 10.15 -15.30 0.57
CA PHE F 62 9.15 -14.78 1.49
C PHE F 62 9.63 -14.90 2.94
N LEU F 63 10.10 -16.09 3.32
CA LEU F 63 10.56 -16.33 4.68
C LEU F 63 11.75 -15.46 5.00
N GLU F 64 12.67 -15.28 4.06
CA GLU F 64 13.84 -14.45 4.31
C GLU F 64 13.44 -13.01 4.63
N ASN F 65 12.55 -12.43 3.81
CA ASN F 65 12.11 -11.06 4.07
C ASN F 65 11.45 -10.95 5.44
N VAL F 66 10.47 -11.82 5.71
CA VAL F 66 9.71 -11.70 6.95
C VAL F 66 10.61 -11.93 8.16
N ILE F 67 11.53 -12.89 8.06
CA ILE F 67 12.38 -13.23 9.20
C ILE F 67 13.41 -12.13 9.45
N ARG F 68 13.91 -11.50 8.38
CA ARG F 68 14.81 -10.37 8.56
C ARG F 68 14.11 -9.24 9.32
N ASP F 69 12.90 -8.89 8.89
CA ASP F 69 12.17 -7.83 9.59
C ASP F 69 11.88 -8.21 11.03
N ALA F 70 11.49 -9.47 11.27
CA ALA F 70 11.15 -9.90 12.62
C ALA F 70 12.38 -9.90 13.53
N VAL F 71 13.54 -10.31 13.00
CA VAL F 71 14.75 -10.32 13.81
C VAL F 71 15.21 -8.90 14.12
N THR F 72 15.02 -7.98 13.17
CA THR F 72 15.30 -6.58 13.47
C THR F 72 14.42 -6.08 14.60
N TYR F 73 13.11 -6.37 14.52
CA TYR F 73 12.19 -5.97 15.59
C TYR F 73 12.59 -6.59 16.92
N THR F 74 13.05 -7.85 16.89
CA THR F 74 13.40 -8.54 18.13
C THR F 74 14.66 -7.96 18.77
N GLU F 75 15.70 -7.72 17.97
CA GLU F 75 16.96 -7.23 18.50
C GLU F 75 16.97 -5.72 18.72
N HIS F 76 15.95 -5.00 18.26
CA HIS F 76 15.81 -3.61 18.71
C HIS F 76 15.62 -3.56 20.22
N ALA F 77 14.68 -4.36 20.73
CA ALA F 77 14.64 -4.62 22.16
C ALA F 77 15.78 -5.57 22.54
N LYS F 78 16.07 -5.63 23.83
CA LYS F 78 17.19 -6.45 24.31
C LYS F 78 16.68 -7.83 24.74
N ARG F 79 16.17 -8.56 23.75
CA ARG F 79 15.65 -9.89 23.94
C ARG F 79 16.39 -10.89 23.07
N LYS F 80 16.26 -12.17 23.41
CA LYS F 80 16.85 -13.26 22.64
C LYS F 80 15.81 -14.25 22.13
N THR F 81 14.53 -13.96 22.30
CA THR F 81 13.45 -14.85 21.89
C THR F 81 12.53 -14.13 20.93
N VAL F 82 12.22 -14.79 19.81
CA VAL F 82 11.32 -14.21 18.82
C VAL F 82 9.89 -14.40 19.28
N THR F 83 9.13 -13.31 19.26
CA THR F 83 7.75 -13.27 19.75
C THR F 83 6.79 -13.16 18.57
N ALA F 84 5.59 -13.71 18.73
CA ALA F 84 4.58 -13.64 17.68
C ALA F 84 4.24 -12.20 17.31
N MET F 85 4.32 -11.27 18.27
CA MET F 85 4.06 -9.87 17.96
C MET F 85 5.09 -9.31 17.00
N ASP F 86 6.34 -9.79 17.07
CA ASP F 86 7.34 -9.37 16.10
C ASP F 86 6.95 -9.78 14.69
N VAL F 87 6.49 -11.02 14.52
CA VAL F 87 6.05 -11.49 13.22
C VAL F 87 4.86 -10.68 12.74
N VAL F 88 3.92 -10.39 13.64
CA VAL F 88 2.73 -9.61 13.26
C VAL F 88 3.14 -8.21 12.80
N TYR F 89 4.06 -7.57 13.53
CA TYR F 89 4.51 -6.23 13.16
C TYR F 89 5.24 -6.25 11.83
N ALA F 90 6.07 -7.26 11.58
CA ALA F 90 6.77 -7.36 10.30
C ALA F 90 5.79 -7.52 9.15
N LEU F 91 4.81 -8.41 9.31
CA LEU F 91 3.81 -8.62 8.27
C LEU F 91 3.00 -7.35 8.04
N LYS F 92 2.68 -6.62 9.10
CA LYS F 92 1.89 -5.40 8.95
C LYS F 92 2.68 -4.31 8.24
N ARG F 93 3.96 -4.14 8.60
CA ARG F 93 4.77 -3.13 7.95
C ARG F 93 5.09 -3.48 6.51
N GLN F 94 5.06 -4.77 6.16
CA GLN F 94 5.24 -5.17 4.77
C GLN F 94 3.94 -5.13 3.97
N GLY F 95 2.84 -4.72 4.58
CA GLY F 95 1.58 -4.60 3.88
C GLY F 95 0.70 -5.82 3.89
N ARG F 96 0.76 -6.63 4.94
CA ARG F 96 -0.05 -7.86 5.03
C ARG F 96 -0.51 -8.02 6.47
N THR F 97 -1.79 -7.74 6.73
CA THR F 97 -2.34 -7.79 8.07
C THR F 97 -2.81 -9.20 8.40
N LEU F 98 -2.49 -9.66 9.60
CA LEU F 98 -2.90 -10.96 10.11
C LEU F 98 -3.76 -10.74 11.35
N TYR F 99 -4.89 -11.43 11.41
CA TYR F 99 -5.88 -11.19 12.46
C TYR F 99 -5.90 -12.23 13.57
N GLY F 100 -5.44 -13.45 13.30
CA GLY F 100 -5.64 -14.53 14.26
C GLY F 100 -4.80 -14.44 15.52
N PHE F 101 -3.52 -14.08 15.38
CA PHE F 101 -2.57 -14.14 16.48
C PHE F 101 -2.33 -12.79 17.15
N GLY F 102 -3.27 -11.86 16.98
CA GLY F 102 -3.11 -10.52 17.53
C GLY F 102 -3.04 -10.48 19.05
N LYS G 16 29.54 28.37 14.93
CA LYS G 16 28.96 27.75 16.13
C LYS G 16 27.65 27.06 15.81
N SER G 17 27.35 26.94 14.52
CA SER G 17 26.14 26.26 14.08
C SER G 17 26.22 24.77 14.41
N ARG G 18 25.05 24.16 14.61
CA ARG G 18 25.01 22.73 14.89
C ARG G 18 25.30 21.92 13.63
N SER G 19 24.81 22.37 12.48
CA SER G 19 25.13 21.70 11.22
C SER G 19 26.61 21.79 10.92
N SER G 20 27.23 22.93 11.22
CA SER G 20 28.68 23.05 11.05
C SER G 20 29.43 22.23 12.10
N ARG G 21 28.85 22.12 13.30
CA ARG G 21 29.47 21.32 14.34
C ARG G 21 29.46 19.83 13.99
N ALA G 22 28.45 19.38 13.27
CA ALA G 22 28.36 18.00 12.83
C ALA G 22 28.96 17.77 11.44
N GLY G 23 29.44 18.83 10.80
CA GLY G 23 30.02 18.71 9.47
C GLY G 23 29.01 18.37 8.40
N LEU G 24 27.91 19.14 8.35
CA LEU G 24 26.83 18.89 7.42
C LEU G 24 26.41 20.18 6.73
N GLN G 25 25.69 20.03 5.63
CA GLN G 25 25.10 21.16 4.94
C GLN G 25 23.62 21.35 5.25
N PHE G 26 22.91 20.26 5.54
CA PHE G 26 21.49 20.34 5.88
C PHE G 26 21.32 20.95 7.27
N PRO G 27 20.19 21.60 7.52
CA PRO G 27 19.97 22.23 8.83
C PRO G 27 19.56 21.24 9.90
N VAL G 28 20.05 21.48 11.11
CA VAL G 28 19.73 20.61 12.25
C VAL G 28 18.60 21.20 13.08
N GLY G 29 18.61 22.51 13.31
CA GLY G 29 17.56 23.14 14.10
C GLY G 29 16.20 23.02 13.45
N ARG G 30 16.15 23.12 12.11
CA ARG G 30 14.87 22.99 11.42
C ARG G 30 14.30 21.58 11.56
N VAL G 31 15.15 20.56 11.40
CA VAL G 31 14.68 19.19 11.57
C VAL G 31 14.27 18.94 13.02
N HIS G 32 14.98 19.52 13.97
CA HIS G 32 14.61 19.38 15.38
C HIS G 32 13.24 20.00 15.64
N ARG G 33 12.99 21.19 15.10
CA ARG G 33 11.70 21.84 15.28
C ARG G 33 10.59 21.05 14.61
N LEU G 34 10.84 20.54 13.40
CA LEU G 34 9.83 19.74 12.70
C LEU G 34 9.52 18.45 13.45
N LEU G 35 10.52 17.85 14.09
CA LEU G 35 10.25 16.67 14.91
C LEU G 35 9.47 17.03 16.16
N ARG G 36 9.78 18.17 16.77
CA ARG G 36 9.09 18.57 18.00
C ARG G 36 7.63 18.93 17.73
N LYS G 37 7.33 19.48 16.56
CA LYS G 37 5.96 19.89 16.23
C LYS G 37 5.32 18.99 15.18
N GLY G 38 5.64 17.70 15.16
CA GLY G 38 5.07 16.77 14.21
C GLY G 38 4.15 15.71 14.77
N ASN G 39 3.88 15.73 16.08
CA ASN G 39 3.03 14.72 16.73
C ASN G 39 3.58 13.31 16.51
N TYR G 40 4.81 13.10 16.99
CA TYR G 40 5.47 11.81 16.90
C TYR G 40 5.72 11.17 18.25
N ALA G 41 6.15 11.94 19.24
CA ALA G 41 6.36 11.45 20.58
C ALA G 41 6.39 12.65 21.52
N GLU G 42 6.32 12.35 22.82
CA GLU G 42 6.31 13.44 23.80
C GLU G 42 7.68 14.08 23.96
N ARG G 43 8.75 13.33 23.72
CA ARG G 43 10.11 13.83 23.89
C ARG G 43 10.96 13.46 22.68
N VAL G 44 11.94 14.31 22.40
CA VAL G 44 12.90 14.09 21.32
C VAL G 44 14.30 14.17 21.90
N GLY G 45 15.17 13.24 21.50
CA GLY G 45 16.53 13.21 21.99
C GLY G 45 17.40 14.32 21.41
N ALA G 46 18.71 14.13 21.43
CA ALA G 46 19.65 15.13 20.92
C ALA G 46 20.35 14.71 19.63
N GLY G 47 20.58 13.42 19.43
CA GLY G 47 21.23 12.95 18.22
C GLY G 47 20.31 12.51 17.11
N ALA G 48 19.00 12.44 17.37
CA ALA G 48 18.05 12.06 16.34
C ALA G 48 18.01 13.05 15.18
N PRO G 49 17.93 14.38 15.40
CA PRO G 49 17.98 15.29 14.26
C PRO G 49 19.28 15.23 13.49
N VAL G 50 20.41 15.04 14.17
CA VAL G 50 21.69 14.92 13.48
C VAL G 50 21.69 13.69 12.59
N TYR G 51 21.28 12.54 13.12
CA TYR G 51 21.19 11.32 12.34
C TYR G 51 20.29 11.50 11.13
N LEU G 52 19.11 12.11 11.34
CA LEU G 52 18.15 12.27 10.25
C LEU G 52 18.69 13.20 9.17
N ALA G 53 19.31 14.32 9.57
CA ALA G 53 19.87 15.24 8.59
C ALA G 53 21.00 14.60 7.81
N ALA G 54 21.83 13.78 8.47
CA ALA G 54 22.90 13.10 7.77
C ALA G 54 22.35 12.13 6.73
N VAL G 55 21.33 11.35 7.11
CA VAL G 55 20.75 10.40 6.15
C VAL G 55 20.13 11.14 4.97
N LEU G 56 19.40 12.23 5.25
CA LEU G 56 18.75 12.99 4.19
C LEU G 56 19.79 13.58 3.23
N GLU G 57 20.88 14.14 3.78
CA GLU G 57 21.92 14.71 2.94
C GLU G 57 22.60 13.63 2.10
N TYR G 58 22.83 12.45 2.66
CA TYR G 58 23.43 11.37 1.89
C TYR G 58 22.54 10.97 0.72
N LEU G 59 21.24 10.80 0.97
CA LEU G 59 20.33 10.43 -0.11
C LEU G 59 20.26 11.51 -1.19
N THR G 60 20.18 12.77 -0.76
CA THR G 60 20.15 13.88 -1.72
C THR G 60 21.42 13.91 -2.56
N ALA G 61 22.58 13.67 -1.94
CA ALA G 61 23.83 13.70 -2.67
C ALA G 61 23.90 12.57 -3.70
N GLU G 62 23.44 11.37 -3.31
CA GLU G 62 23.42 10.26 -4.25
C GLU G 62 22.55 10.59 -5.46
N ILE G 63 21.32 11.06 -5.20
CA ILE G 63 20.40 11.36 -6.30
C ILE G 63 20.96 12.46 -7.19
N LEU G 64 21.53 13.50 -6.60
CA LEU G 64 22.05 14.62 -7.39
C LEU G 64 23.26 14.20 -8.21
N GLU G 65 24.11 13.33 -7.67
CA GLU G 65 25.26 12.85 -8.44
C GLU G 65 24.80 12.04 -9.64
N LEU G 66 23.84 11.13 -9.43
CA LEU G 66 23.36 10.33 -10.55
C LEU G 66 22.68 11.20 -11.61
N ALA G 67 21.89 12.18 -11.18
CA ALA G 67 21.21 13.06 -12.13
C ALA G 67 22.21 13.93 -12.90
N GLY G 68 23.24 14.43 -12.22
CA GLY G 68 24.25 15.20 -12.91
C GLY G 68 25.02 14.38 -13.92
N ASN G 69 25.33 13.13 -13.58
CA ASN G 69 25.97 12.25 -14.55
C ASN G 69 25.08 12.01 -15.76
N ALA G 70 23.78 11.80 -15.52
CA ALA G 70 22.85 11.62 -16.64
C ALA G 70 22.80 12.86 -17.53
N ALA G 71 22.71 14.04 -16.93
CA ALA G 71 22.64 15.27 -17.70
C ALA G 71 23.93 15.50 -18.49
N ARG G 72 25.08 15.20 -17.88
CA ARG G 72 26.35 15.39 -18.58
C ARG G 72 26.50 14.41 -19.73
N ASP G 73 26.07 13.16 -19.55
CA ASP G 73 26.13 12.21 -20.65
C ASP G 73 25.15 12.56 -21.75
N ASN G 74 24.05 13.23 -21.40
CA ASN G 74 23.07 13.68 -22.38
C ASN G 74 23.48 14.97 -23.08
N LYS G 75 24.71 15.43 -22.87
CA LYS G 75 25.23 16.64 -23.50
C LYS G 75 24.41 17.88 -23.11
N LYS G 76 24.19 18.04 -21.81
CA LYS G 76 23.45 19.17 -21.27
C LYS G 76 24.23 19.83 -20.15
N THR G 77 23.67 20.91 -19.61
CA THR G 77 24.31 21.70 -18.57
C THR G 77 23.37 21.90 -17.37
N ARG G 78 22.06 21.71 -17.58
CA ARG G 78 21.07 21.92 -16.53
C ARG G 78 20.27 20.65 -16.34
N ILE G 79 19.91 20.37 -15.09
CA ILE G 79 19.15 19.18 -14.73
C ILE G 79 17.67 19.47 -14.86
N ILE G 80 16.95 18.60 -15.57
CA ILE G 80 15.51 18.72 -15.73
C ILE G 80 14.89 17.45 -15.17
N PRO G 81 13.57 17.45 -14.92
CA PRO G 81 12.93 16.24 -14.36
C PRO G 81 13.19 14.96 -15.15
N ARG G 82 13.43 15.05 -16.46
CA ARG G 82 13.77 13.88 -17.24
C ARG G 82 15.05 13.22 -16.72
N HIS G 83 16.04 14.03 -16.35
CA HIS G 83 17.29 13.48 -15.83
C HIS G 83 17.07 12.83 -14.47
N LEU G 84 16.21 13.41 -13.63
CA LEU G 84 15.90 12.79 -12.35
C LEU G 84 15.22 11.44 -12.54
N GLN G 85 14.28 11.36 -13.49
CA GLN G 85 13.62 10.09 -13.78
C GLN G 85 14.63 9.06 -14.29
N LEU G 86 15.51 9.46 -15.20
CA LEU G 86 16.52 8.54 -15.72
C LEU G 86 17.45 8.05 -14.63
N ALA G 87 17.80 8.93 -13.69
CA ALA G 87 18.69 8.54 -12.60
C ALA G 87 18.00 7.60 -11.62
N ILE G 88 16.73 7.85 -11.33
CA ILE G 88 16.03 7.03 -10.34
C ILE G 88 15.71 5.65 -10.89
N ARG G 89 15.20 5.59 -12.13
CA ARG G 89 14.75 4.31 -12.66
C ARG G 89 15.89 3.39 -13.12
N ASN G 90 17.14 3.86 -13.08
CA ASN G 90 18.28 3.06 -13.49
C ASN G 90 19.10 2.56 -12.32
N ASP G 91 18.58 2.65 -11.10
CA ASP G 91 19.24 2.17 -9.90
C ASP G 91 18.24 1.31 -9.13
N GLU G 92 18.60 0.03 -8.91
CA GLU G 92 17.63 -0.91 -8.36
C GLU G 92 17.20 -0.55 -6.95
N GLU G 93 18.12 -0.06 -6.12
CA GLU G 93 17.75 0.29 -4.75
C GLU G 93 16.92 1.56 -4.70
N LEU G 94 17.29 2.58 -5.48
CA LEU G 94 16.48 3.79 -5.56
C LEU G 94 15.14 3.51 -6.21
N ASN G 95 15.10 2.61 -7.20
CA ASN G 95 13.83 2.25 -7.82
C ASN G 95 12.94 1.50 -6.85
N LYS G 96 13.53 0.65 -5.99
CA LYS G 96 12.73 -0.06 -5.00
C LYS G 96 12.24 0.87 -3.91
N LEU G 97 13.04 1.89 -3.57
CA LEU G 97 12.61 2.85 -2.56
C LEU G 97 11.43 3.69 -3.05
N LEU G 98 11.56 4.26 -4.25
CA LEU G 98 10.50 5.07 -4.85
C LEU G 98 9.69 4.24 -5.85
N GLY G 99 9.00 3.22 -5.32
CA GLY G 99 8.25 2.32 -6.18
C GLY G 99 6.85 2.75 -6.51
N ARG G 100 6.25 3.61 -5.69
CA ARG G 100 4.89 4.09 -5.91
C ARG G 100 4.85 5.61 -6.09
N VAL G 101 5.86 6.16 -6.74
CA VAL G 101 5.99 7.61 -6.92
C VAL G 101 5.95 7.91 -8.42
N THR G 102 5.23 8.97 -8.77
CA THR G 102 5.13 9.44 -10.15
C THR G 102 5.80 10.80 -10.26
N ILE G 103 6.70 10.93 -11.23
CA ILE G 103 7.44 12.17 -11.46
C ILE G 103 6.79 12.89 -12.63
N ALA G 104 6.36 14.13 -12.40
CA ALA G 104 5.69 14.90 -13.44
C ALA G 104 6.68 15.32 -14.52
N GLN G 105 6.25 15.19 -15.77
CA GLN G 105 7.06 15.52 -16.94
C GLN G 105 8.35 14.71 -16.98
N GLY G 106 8.29 13.46 -16.52
CA GLY G 106 9.47 12.61 -16.48
C GLY G 106 9.55 11.61 -17.63
N GLY G 107 8.39 11.18 -18.12
CA GLY G 107 8.38 10.22 -19.21
C GLY G 107 8.62 8.80 -18.73
N VAL G 108 8.98 7.94 -19.68
CA VAL G 108 9.23 6.54 -19.43
C VAL G 108 10.62 6.19 -19.96
N LEU G 109 11.09 4.99 -19.59
CA LEU G 109 12.36 4.52 -20.11
C LEU G 109 12.16 3.91 -21.50
N PRO G 110 13.14 4.08 -22.40
CA PRO G 110 12.99 3.50 -23.74
C PRO G 110 13.12 1.99 -23.74
N ASN G 111 12.04 1.30 -23.37
CA ASN G 111 12.01 -0.15 -23.27
C ASN G 111 11.01 -0.69 -24.30
N ILE G 112 11.52 -1.40 -25.30
CA ILE G 112 10.70 -2.04 -26.32
C ILE G 112 10.98 -3.54 -26.26
N GLN G 113 9.90 -4.34 -26.33
CA GLN G 113 10.04 -5.78 -26.23
C GLN G 113 10.85 -6.32 -27.41
N ALA G 114 11.73 -7.28 -27.13
CA ALA G 114 12.60 -7.81 -28.16
C ALA G 114 11.84 -8.64 -29.19
N VAL G 115 10.67 -9.16 -28.83
CA VAL G 115 9.88 -9.95 -29.77
C VAL G 115 9.34 -9.06 -30.88
N LEU G 116 9.04 -7.80 -30.57
CA LEU G 116 8.52 -6.89 -31.58
C LEU G 116 9.61 -6.44 -32.54
N LEU G 117 10.79 -6.13 -32.03
CA LEU G 117 11.88 -5.69 -32.89
C LEU G 117 12.42 -6.87 -33.71
N PRO G 118 12.73 -6.65 -34.99
CA PRO G 118 13.26 -7.70 -35.86
C PRO G 118 14.70 -8.08 -35.52
N ARG H 34 7.29 33.76 2.55
CA ARG H 34 6.90 33.25 3.86
C ARG H 34 6.78 31.73 3.84
N LYS H 35 7.29 31.11 2.78
CA LYS H 35 7.27 29.67 2.61
C LYS H 35 8.66 29.10 2.88
N GLU H 36 8.69 27.82 3.24
CA GLU H 36 9.93 27.13 3.58
C GLU H 36 10.20 26.04 2.57
N SER H 37 11.49 25.82 2.27
CA SER H 37 11.91 24.78 1.35
C SER H 37 13.34 24.39 1.69
N TYR H 38 13.90 23.50 0.87
CA TYR H 38 15.27 23.03 1.02
C TYR H 38 16.15 23.45 -0.16
N SER H 39 15.84 24.60 -0.77
CA SER H 39 16.49 24.97 -2.03
C SER H 39 17.97 25.26 -1.83
N VAL H 40 18.30 26.05 -0.80
CA VAL H 40 19.70 26.46 -0.61
C VAL H 40 20.58 25.25 -0.29
N TYR H 41 20.06 24.31 0.50
CA TYR H 41 20.85 23.15 0.87
C TYR H 41 21.04 22.20 -0.31
N VAL H 42 19.99 22.01 -1.12
CA VAL H 42 20.12 21.20 -2.33
C VAL H 42 21.12 21.85 -3.28
N TYR H 43 21.11 23.18 -3.38
CA TYR H 43 22.06 23.85 -4.25
C TYR H 43 23.49 23.70 -3.73
N LYS H 44 23.68 23.78 -2.42
CA LYS H 44 25.01 23.56 -1.84
C LYS H 44 25.51 22.15 -2.11
N VAL H 45 24.64 21.16 -1.94
CA VAL H 45 25.03 19.78 -2.21
C VAL H 45 25.38 19.60 -3.69
N LEU H 46 24.60 20.22 -4.58
CA LEU H 46 24.89 20.12 -6.00
C LEU H 46 26.22 20.77 -6.35
N LYS H 47 26.51 21.93 -5.75
CA LYS H 47 27.79 22.57 -5.97
C LYS H 47 28.94 21.74 -5.44
N GLN H 48 28.71 20.99 -4.36
CA GLN H 48 29.74 20.08 -3.86
C GLN H 48 29.95 18.91 -4.80
N VAL H 49 28.88 18.41 -5.42
CA VAL H 49 29.01 17.24 -6.28
C VAL H 49 29.40 17.64 -7.69
N HIS H 50 28.68 18.59 -8.28
CA HIS H 50 28.96 19.06 -9.64
C HIS H 50 29.13 20.58 -9.61
N PRO H 51 30.37 21.08 -9.71
CA PRO H 51 30.59 22.52 -9.56
C PRO H 51 30.12 23.34 -10.77
N ASP H 52 29.86 22.72 -11.90
CA ASP H 52 29.50 23.44 -13.13
C ASP H 52 28.20 22.91 -13.72
N THR H 53 27.19 22.78 -12.88
CA THR H 53 25.88 22.29 -13.30
C THR H 53 24.78 23.03 -12.57
N GLY H 54 23.76 23.45 -13.31
CA GLY H 54 22.61 24.13 -12.75
C GLY H 54 21.41 23.20 -12.61
N ILE H 55 20.28 23.81 -12.28
CA ILE H 55 19.05 23.04 -12.05
C ILE H 55 17.87 23.96 -12.30
N SER H 56 16.77 23.38 -12.77
CA SER H 56 15.55 24.12 -13.05
C SER H 56 14.71 24.26 -11.77
N SER H 57 13.53 24.86 -11.91
CA SER H 57 12.65 25.05 -10.77
C SER H 57 11.79 23.82 -10.52
N LYS H 58 11.33 23.15 -11.58
CA LYS H 58 10.53 21.95 -11.40
C LYS H 58 11.35 20.84 -10.74
N ALA H 59 12.61 20.69 -11.13
CA ALA H 59 13.47 19.70 -10.48
C ALA H 59 13.67 20.03 -9.01
N MET H 60 13.76 21.32 -8.67
CA MET H 60 13.90 21.71 -7.27
C MET H 60 12.63 21.38 -6.49
N GLY H 61 11.47 21.61 -7.09
CA GLY H 61 10.22 21.21 -6.43
C GLY H 61 10.15 19.70 -6.21
N ILE H 62 10.61 18.93 -7.20
CA ILE H 62 10.62 17.47 -7.06
C ILE H 62 11.56 17.05 -5.93
N MET H 63 12.72 17.71 -5.83
CA MET H 63 13.65 17.39 -4.74
C MET H 63 13.04 17.71 -3.38
N ASN H 64 12.35 18.86 -3.27
CA ASN H 64 11.68 19.20 -2.02
C ASN H 64 10.64 18.15 -1.66
N SER H 65 9.86 17.71 -2.64
CA SER H 65 8.86 16.67 -2.39
C SER H 65 9.52 15.38 -1.89
N PHE H 66 10.63 15.00 -2.52
CA PHE H 66 11.34 13.78 -2.12
C PHE H 66 11.83 13.88 -0.68
N VAL H 67 12.44 15.01 -0.32
CA VAL H 67 12.95 15.19 1.04
C VAL H 67 11.80 15.11 2.05
N ASN H 68 10.68 15.79 1.76
CA ASN H 68 9.55 15.76 2.68
C ASN H 68 9.00 14.35 2.84
N ASP H 69 8.89 13.61 1.74
CA ASP H 69 8.36 12.25 1.80
C ASP H 69 9.24 11.35 2.67
N ILE H 70 10.55 11.40 2.45
CA ILE H 70 11.46 10.54 3.22
C ILE H 70 11.43 10.92 4.70
N PHE H 71 11.42 12.22 4.99
CA PHE H 71 11.30 12.67 6.38
C PHE H 71 10.05 12.09 7.03
N GLU H 72 8.90 12.21 6.36
CA GLU H 72 7.65 11.74 6.93
C GLU H 72 7.71 10.24 7.20
N ARG H 73 8.21 9.47 6.24
CA ARG H 73 8.30 8.01 6.42
C ARG H 73 9.16 7.66 7.63
N ILE H 74 10.37 8.21 7.71
CA ILE H 74 11.29 7.83 8.78
C ILE H 74 10.72 8.24 10.14
N ALA H 75 10.15 9.45 10.22
CA ALA H 75 9.61 9.92 11.50
C ALA H 75 8.43 9.05 11.94
N GLY H 76 7.54 8.68 11.01
CA GLY H 76 6.43 7.82 11.39
C GLY H 76 6.89 6.45 11.87
N GLU H 77 7.87 5.86 11.18
CA GLU H 77 8.36 4.56 11.62
C GLU H 77 9.02 4.65 12.99
N ALA H 78 9.77 5.72 13.25
CA ALA H 78 10.40 5.88 14.56
C ALA H 78 9.34 6.04 15.65
N SER H 79 8.28 6.79 15.37
CA SER H 79 7.20 6.94 16.33
C SER H 79 6.55 5.60 16.64
N ARG H 80 6.27 4.81 15.60
CA ARG H 80 5.68 3.49 15.82
C ARG H 80 6.58 2.60 16.66
N LEU H 81 7.89 2.60 16.35
CA LEU H 81 8.83 1.82 17.12
C LEU H 81 8.84 2.24 18.58
N ALA H 82 8.86 3.55 18.85
CA ALA H 82 8.85 4.02 20.22
C ALA H 82 7.57 3.63 20.94
N HIS H 83 6.45 3.58 20.23
CA HIS H 83 5.19 3.22 20.88
C HIS H 83 5.11 1.73 21.16
N TYR H 84 5.74 0.90 20.32
CA TYR H 84 5.65 -0.55 20.51
C TYR H 84 6.33 -0.99 21.80
N ASN H 85 7.47 -0.39 22.13
CA ASN H 85 8.26 -0.81 23.28
C ASN H 85 7.97 -0.01 24.54
N LYS H 86 6.88 0.76 24.55
CA LYS H 86 6.45 1.51 25.73
C LYS H 86 7.49 2.54 26.16
N ARG H 87 7.87 3.40 25.22
CA ARG H 87 8.80 4.49 25.48
C ARG H 87 8.20 5.81 25.01
N SER H 88 8.63 6.90 25.64
CA SER H 88 8.13 8.23 25.33
C SER H 88 9.23 9.13 24.77
N THR H 89 10.30 8.56 24.25
CA THR H 89 11.43 9.32 23.72
C THR H 89 11.87 8.73 22.39
N ILE H 90 12.23 9.61 21.46
CA ILE H 90 12.78 9.23 20.17
C ILE H 90 14.26 9.59 20.19
N THR H 91 15.11 8.58 20.20
CA THR H 91 16.56 8.75 20.23
C THR H 91 17.16 8.32 18.89
N SER H 92 18.49 8.45 18.79
CA SER H 92 19.18 8.05 17.57
C SER H 92 19.08 6.55 17.33
N ARG H 93 18.85 5.76 18.38
CA ARG H 93 18.69 4.32 18.20
C ARG H 93 17.40 4.00 17.44
N GLU H 94 16.32 4.69 17.78
CA GLU H 94 15.06 4.52 17.04
C GLU H 94 15.22 4.93 15.58
N ILE H 95 15.94 6.03 15.33
CA ILE H 95 16.18 6.47 13.95
C ILE H 95 17.00 5.44 13.20
N GLN H 96 18.00 4.86 13.86
CA GLN H 96 18.83 3.84 13.22
C GLN H 96 18.02 2.61 12.87
N THR H 97 17.17 2.16 13.81
CA THR H 97 16.35 0.99 13.55
C THR H 97 15.34 1.25 12.43
N ALA H 98 14.75 2.46 12.40
CA ALA H 98 13.81 2.80 11.34
C ALA H 98 14.52 2.85 9.98
N VAL H 99 15.74 3.39 9.95
CA VAL H 99 16.50 3.42 8.70
C VAL H 99 16.81 2.00 8.24
N ARG H 100 17.16 1.11 9.17
CA ARG H 100 17.42 -0.28 8.80
C ARG H 100 16.16 -0.96 8.29
N LEU H 101 15.00 -0.60 8.85
CA LEU H 101 13.75 -1.20 8.42
C LEU H 101 13.29 -0.69 7.06
N LEU H 102 13.55 0.58 6.76
CA LEU H 102 12.98 1.20 5.57
C LEU H 102 13.87 1.08 4.34
N LEU H 103 15.18 1.28 4.48
CA LEU H 103 15.96 1.30 3.24
C LEU H 103 16.51 -0.08 2.91
N PRO H 104 16.72 -0.36 1.62
CA PRO H 104 17.36 -1.61 1.23
C PRO H 104 18.82 -1.68 1.68
N GLY H 105 19.44 -2.83 1.42
CA GLY H 105 20.70 -3.22 2.03
C GLY H 105 21.84 -2.22 2.02
N GLU H 106 22.41 -1.94 0.86
CA GLU H 106 23.61 -1.12 0.80
C GLU H 106 23.31 0.33 1.15
N LEU H 107 22.15 0.84 0.71
CA LEU H 107 21.73 2.17 1.12
C LEU H 107 21.61 2.26 2.63
N ALA H 108 21.04 1.25 3.28
CA ALA H 108 20.92 1.27 4.73
C ALA H 108 22.28 1.22 5.40
N LYS H 109 23.20 0.40 4.89
CA LYS H 109 24.54 0.32 5.47
C LYS H 109 25.25 1.66 5.39
N HIS H 110 25.24 2.29 4.21
CA HIS H 110 25.94 3.56 4.04
C HIS H 110 25.27 4.68 4.84
N ALA H 111 23.94 4.64 4.94
CA ALA H 111 23.23 5.66 5.73
C ALA H 111 23.54 5.51 7.21
N VAL H 112 23.58 4.29 7.72
CA VAL H 112 23.96 4.08 9.11
C VAL H 112 25.39 4.54 9.35
N SER H 113 26.30 4.24 8.42
CA SER H 113 27.67 4.70 8.56
C SER H 113 27.73 6.22 8.65
N GLU H 114 27.07 6.92 7.72
CA GLU H 114 27.06 8.38 7.74
C GLU H 114 26.45 8.92 9.02
N GLY H 115 25.37 8.29 9.50
CA GLY H 115 24.71 8.77 10.70
C GLY H 115 25.57 8.65 11.93
N THR H 116 26.16 7.47 12.14
CA THR H 116 27.04 7.31 13.31
C THR H 116 28.27 8.20 13.20
N LYS H 117 28.80 8.39 11.99
CA LYS H 117 29.94 9.29 11.83
C LYS H 117 29.57 10.71 12.23
N ALA H 118 28.41 11.19 11.76
CA ALA H 118 27.97 12.54 12.13
C ALA H 118 27.74 12.65 13.63
N VAL H 119 27.17 11.61 14.25
CA VAL H 119 26.92 11.67 15.68
C VAL H 119 28.22 11.74 16.46
N THR H 120 29.19 10.88 16.14
CA THR H 120 30.42 10.88 16.91
C THR H 120 31.25 12.14 16.63
N LYS H 121 31.07 12.76 15.47
CA LYS H 121 31.73 14.04 15.24
C LYS H 121 31.04 15.18 15.98
N TYR H 122 29.72 15.08 16.16
CA TYR H 122 28.99 16.13 16.86
C TYR H 122 29.17 16.08 18.37
N THR H 123 29.28 14.88 18.94
CA THR H 123 29.39 14.78 20.39
C THR H 123 30.78 15.08 20.91
N SER H 124 31.78 15.19 20.03
CA SER H 124 33.16 15.46 20.42
C SER H 124 33.52 16.94 20.31
N SER H 125 32.55 17.83 20.48
CA SER H 125 32.80 19.26 20.40
C SER H 125 32.20 19.99 21.60
N SER K 514 27.54 -1.13 -11.71
CA SER K 514 27.97 -0.61 -13.01
C SER K 514 28.41 0.84 -12.90
N THR K 515 28.32 1.41 -11.69
CA THR K 515 28.71 2.78 -11.44
C THR K 515 29.12 2.92 -9.99
N VAL K 516 30.28 3.52 -9.75
CA VAL K 516 30.79 3.75 -8.40
C VAL K 516 30.68 5.25 -8.12
N THR K 517 29.87 5.61 -7.14
CA THR K 517 29.63 7.00 -6.79
C THR K 517 30.78 7.54 -5.94
N LYS K 518 30.57 8.71 -5.34
CA LYS K 518 31.59 9.28 -4.45
C LYS K 518 31.95 8.30 -3.35
N SER K 519 30.97 7.86 -2.57
CA SER K 519 31.16 6.70 -1.72
C SER K 519 31.16 5.45 -2.57
N ARG K 520 31.97 4.46 -2.17
CA ARG K 520 32.14 3.25 -2.97
C ARG K 520 30.95 2.32 -2.82
N ARG K 521 29.79 2.80 -3.29
CA ARG K 521 28.58 2.00 -3.35
C ARG K 521 28.29 1.70 -4.82
N ILE K 522 28.29 0.42 -5.17
CA ILE K 522 28.04 -0.01 -6.54
C ILE K 522 26.56 0.19 -6.86
N SER K 523 26.28 1.05 -7.84
CA SER K 523 24.92 1.33 -8.29
C SER K 523 24.63 0.41 -9.48
N ARG K 524 23.75 -0.56 -9.28
CA ARG K 524 23.46 -1.59 -10.27
C ARG K 524 22.11 -1.34 -10.91
N ARG K 525 21.95 -1.87 -12.13
CA ARG K 525 20.71 -1.75 -12.88
C ARG K 525 19.74 -2.87 -12.46
N PRO K 526 18.45 -2.57 -12.32
CA PRO K 526 17.49 -3.61 -11.93
C PRO K 526 17.21 -4.58 -13.07
N SER K 527 18.07 -5.59 -13.21
CA SER K 527 17.99 -6.52 -14.33
C SER K 527 16.74 -7.38 -14.25
N ASP K 528 16.61 -8.16 -13.19
CA ASP K 528 15.53 -9.14 -13.09
C ASP K 528 15.29 -9.55 -11.64
N TRP K 529 14.01 -9.66 -11.25
CA TRP K 529 13.67 -10.01 -9.89
C TRP K 529 12.52 -11.00 -9.77
N TRP K 530 11.89 -11.41 -10.86
CA TRP K 530 10.73 -12.28 -10.82
C TRP K 530 11.05 -13.72 -11.19
N VAL K 531 12.32 -14.04 -11.39
CA VAL K 531 12.76 -15.40 -11.73
C VAL K 531 13.57 -15.95 -10.57
N VAL K 532 13.31 -17.20 -10.22
CA VAL K 532 14.03 -17.86 -9.14
C VAL K 532 15.40 -18.29 -9.65
N LYS K 533 16.45 -17.85 -8.97
CA LYS K 533 17.82 -18.16 -9.34
C LYS K 533 18.40 -19.17 -8.36
N SER K 534 19.12 -20.16 -8.88
CA SER K 534 19.74 -21.19 -8.04
C SER K 534 20.89 -20.61 -7.23
N THR L 513 -28.23 -15.22 -3.17
CA THR L 513 -28.68 -13.91 -3.62
C THR L 513 -28.26 -12.83 -2.62
N SER L 514 -28.99 -11.71 -2.63
CA SER L 514 -28.70 -10.61 -1.73
C SER L 514 -29.24 -10.90 -0.34
N THR L 515 -29.08 -9.93 0.56
CA THR L 515 -29.55 -10.07 1.93
C THR L 515 -29.86 -8.68 2.48
N VAL L 516 -31.08 -8.51 2.99
CA VAL L 516 -31.51 -7.24 3.56
C VAL L 516 -31.38 -7.35 5.08
N THR L 517 -30.25 -6.90 5.61
CA THR L 517 -30.02 -6.91 7.04
C THR L 517 -30.81 -5.78 7.71
N LYS L 518 -30.68 -5.67 9.02
CA LYS L 518 -31.30 -4.56 9.73
C LYS L 518 -30.72 -3.24 9.23
N SER L 519 -31.52 -2.18 9.36
CA SER L 519 -31.34 -0.86 8.76
C SER L 519 -31.54 -0.90 7.25
N ARG L 520 -32.00 -2.03 6.70
CA ARG L 520 -32.32 -2.16 5.28
C ARG L 520 -31.12 -1.80 4.40
N ARG L 521 -29.98 -2.41 4.69
CA ARG L 521 -28.79 -2.30 3.87
C ARG L 521 -28.65 -3.56 3.04
N ILE L 522 -28.82 -3.45 1.74
CA ILE L 522 -28.78 -4.61 0.86
C ILE L 522 -27.34 -5.10 0.73
N SER L 523 -27.09 -6.30 1.24
CA SER L 523 -25.76 -6.91 1.19
C SER L 523 -25.67 -7.74 -0.08
N ARG L 524 -24.92 -7.23 -1.06
CA ARG L 524 -24.76 -7.89 -2.36
C ARG L 524 -23.46 -8.66 -2.40
N ARG L 525 -23.43 -9.68 -3.26
CA ARG L 525 -22.29 -10.55 -3.54
C ARG L 525 -21.42 -9.92 -4.62
N PRO L 526 -20.09 -9.95 -4.45
CA PRO L 526 -19.20 -9.36 -5.45
C PRO L 526 -19.38 -10.02 -6.82
N SER L 527 -19.08 -9.24 -7.86
CA SER L 527 -19.22 -9.70 -9.23
C SER L 527 -17.99 -9.25 -10.01
N ASP L 528 -18.06 -9.35 -11.34
CA ASP L 528 -16.93 -9.04 -12.20
C ASP L 528 -16.76 -7.51 -12.28
N TRP L 529 -16.09 -6.96 -11.28
CA TRP L 529 -15.80 -5.54 -11.23
C TRP L 529 -14.73 -5.11 -12.22
N TRP L 530 -14.10 -6.05 -12.93
CA TRP L 530 -13.02 -5.76 -13.85
C TRP L 530 -13.48 -5.58 -15.29
N VAL L 531 -14.78 -5.61 -15.53
CA VAL L 531 -15.35 -5.51 -16.87
C VAL L 531 -16.05 -4.17 -17.00
N VAL L 532 -15.79 -3.44 -18.08
CA VAL L 532 -16.43 -2.17 -18.33
C VAL L 532 -17.83 -2.42 -18.89
N LYS L 533 -18.83 -1.82 -18.25
CA LYS L 533 -20.22 -1.98 -18.64
C LYS L 533 -20.88 -0.61 -18.75
N SER L 534 -21.77 -0.47 -19.73
CA SER L 534 -22.48 0.78 -19.95
C SER L 534 -23.75 0.84 -19.11
#